data_9H2I
#
_entry.id   9H2I
#
_cell.length_a   60.703
_cell.length_b   88.353
_cell.length_c   200.687
_cell.angle_alpha   90.000
_cell.angle_beta   90.000
_cell.angle_gamma   90.000
#
_symmetry.space_group_name_H-M   'P 21 21 21'
#
loop_
_entity.id
_entity.type
_entity.pdbx_description
1 polymer 'Dihydrolipoyllysine-residue acetyltransferase component of pyruvate dehydrogenase complex'
2 polymer 'Dihydrolipoyl dehydrogenase'
3 non-polymer 'FLAVIN-ADENINE DINUCLEOTIDE'
4 water water
#
loop_
_entity_poly.entity_id
_entity_poly.type
_entity_poly.pdbx_seq_one_letter_code
_entity_poly.pdbx_strand_id
1 'polypeptide(L)' EGKSEFAENDAYVHATPLIRRLAREFGVNLAKVKGTGRKGRILREDVQAYVKEAIKRAEAAPAATG A
2 'polypeptide(L)'
;STEIKTQVVVLGAGPAGYSAAFRCADLGLETVIVERYNTLGGVCLNVGCIPSKALLHVAKVIEEAKALAEHGIVFGEPKT
DIDKIRTWKEKVINQLTGGLAGMAKGRKVKVVNGLGKFTGANTLEVEGENGKTVINFDNAIIAAGSRPIQLPFIPHEDPR
IWDSTDALELKEVPERLLVMGGGIIGLEMGTVYHALGSQIDVVEMFDQVIPAADKDIVKVFTKRISKKFNLMLETKVTAV
EAKEDGIYVTMEGKKAPAEPQRYDAVLVAIGRVPNGKNLDAGKAGVEVDDRGFIRVDKQLRTNVPHIFAIGDIVGQPMLA
HKGVHEGHVAAEVIAGKKHYFDPKVIPSIAYTEPEVAWVGLTEKEAKEKGISYETATFPWAASGRAIASDCADGMTKLIF
DKESHRVIGGAIVGTNGGELLGEIGLAIEMGCDAEDIALTIHAHPTLHESVGLAAEVFEGSITDLPNPKAKKK
;
B,C
#
# COMPACT_ATOMS: atom_id res chain seq x y z
N GLU A 5 -30.40 -22.76 -14.38
CA GLU A 5 -29.35 -21.97 -15.03
C GLU A 5 -28.88 -20.80 -14.13
N PHE A 6 -28.22 -19.82 -14.73
CA PHE A 6 -27.48 -18.85 -13.94
C PHE A 6 -28.39 -17.92 -13.14
N ALA A 7 -28.00 -17.64 -11.90
CA ALA A 7 -28.64 -16.66 -11.05
C ALA A 7 -27.59 -16.07 -10.10
N GLU A 8 -27.75 -14.77 -9.79
CA GLU A 8 -26.91 -14.09 -8.80
C GLU A 8 -27.41 -14.41 -7.38
N ASN A 9 -27.16 -15.64 -6.96
CA ASN A 9 -27.58 -16.09 -5.64
C ASN A 9 -26.41 -16.02 -4.64
N ASP A 10 -26.61 -16.58 -3.44
CA ASP A 10 -25.62 -16.47 -2.38
C ASP A 10 -24.33 -17.22 -2.72
N ALA A 11 -24.45 -18.35 -3.41
CA ALA A 11 -23.25 -19.06 -3.86
C ALA A 11 -22.45 -18.21 -4.84
N TYR A 12 -23.14 -17.46 -5.70
CA TYR A 12 -22.44 -16.57 -6.63
C TYR A 12 -21.82 -15.39 -5.91
N VAL A 13 -22.49 -14.87 -4.89
CA VAL A 13 -21.92 -13.76 -4.11
C VAL A 13 -20.62 -14.18 -3.43
N HIS A 14 -20.56 -15.41 -2.90
CA HIS A 14 -19.41 -15.85 -2.14
C HIS A 14 -18.24 -16.30 -3.03
N ALA A 15 -18.53 -16.70 -4.27
CA ALA A 15 -17.53 -17.28 -5.15
C ALA A 15 -16.47 -16.25 -5.53
N THR A 16 -15.31 -16.76 -5.96
CA THR A 16 -14.22 -15.91 -6.39
C THR A 16 -14.47 -15.39 -7.80
N PRO A 17 -13.78 -14.34 -8.22
CA PRO A 17 -14.01 -13.81 -9.59
C PRO A 17 -13.80 -14.82 -10.70
N LEU A 18 -12.85 -15.76 -10.55
CA LEU A 18 -12.73 -16.82 -11.55
C LEU A 18 -14.01 -17.63 -11.67
N ILE A 19 -14.55 -18.08 -10.54
CA ILE A 19 -15.71 -18.96 -10.54
C ILE A 19 -16.96 -18.22 -10.99
N ARG A 20 -17.07 -16.95 -10.63
CA ARG A 20 -18.22 -16.16 -11.10
C ARG A 20 -18.21 -16.02 -12.62
N ARG A 21 -17.03 -15.77 -13.20
CA ARG A 21 -16.94 -15.70 -14.65
C ARG A 21 -17.23 -17.06 -15.29
N LEU A 22 -16.66 -18.14 -14.75
CA LEU A 22 -16.94 -19.47 -15.26
C LEU A 22 -18.44 -19.77 -15.20
N ALA A 23 -19.06 -19.52 -14.05
CA ALA A 23 -20.48 -19.83 -13.89
C ALA A 23 -21.34 -19.06 -14.88
N ARG A 24 -20.96 -17.80 -15.17
CA ARG A 24 -21.79 -16.98 -16.04
C ARG A 24 -21.59 -17.32 -17.51
N GLU A 25 -20.35 -17.69 -17.88
CA GLU A 25 -20.09 -18.23 -19.20
C GLU A 25 -20.98 -19.43 -19.52
N PHE A 26 -21.07 -20.39 -18.60
CA PHE A 26 -21.66 -21.69 -18.86
C PHE A 26 -23.08 -21.83 -18.28
N GLY A 27 -23.67 -20.74 -17.80
CA GLY A 27 -25.05 -20.76 -17.36
C GLY A 27 -25.29 -21.60 -16.12
N VAL A 28 -24.33 -21.67 -15.22
CA VAL A 28 -24.36 -22.61 -14.10
C VAL A 28 -24.99 -21.95 -12.88
N ASN A 29 -25.83 -22.70 -12.18
CA ASN A 29 -26.31 -22.29 -10.87
C ASN A 29 -25.31 -22.82 -9.85
N LEU A 30 -24.52 -21.90 -9.26
CA LEU A 30 -23.47 -22.28 -8.31
C LEU A 30 -24.03 -22.88 -7.03
N ALA A 31 -25.30 -22.62 -6.70
CA ALA A 31 -25.94 -23.28 -5.56
C ALA A 31 -25.99 -24.78 -5.71
N LYS A 32 -25.93 -25.29 -6.94
CA LYS A 32 -25.98 -26.72 -7.19
C LYS A 32 -24.60 -27.34 -7.33
N VAL A 33 -23.54 -26.53 -7.30
CA VAL A 33 -22.17 -27.01 -7.36
C VAL A 33 -21.68 -27.22 -5.94
N LYS A 34 -21.22 -28.43 -5.64
CA LYS A 34 -20.66 -28.70 -4.33
C LYS A 34 -19.19 -28.30 -4.33
N GLY A 35 -18.83 -27.39 -3.42
CA GLY A 35 -17.45 -26.95 -3.30
C GLY A 35 -16.66 -27.92 -2.45
N THR A 36 -15.52 -28.36 -2.95
CA THR A 36 -14.67 -29.33 -2.28
C THR A 36 -13.46 -28.69 -1.61
N GLY A 37 -13.29 -27.37 -1.74
CA GLY A 37 -12.16 -26.67 -1.15
C GLY A 37 -12.32 -26.41 0.34
N ARG A 38 -11.33 -25.71 0.89
CA ARG A 38 -11.37 -25.32 2.29
C ARG A 38 -12.59 -24.45 2.57
N LYS A 39 -13.28 -24.74 3.69
CA LYS A 39 -14.50 -24.05 4.12
C LYS A 39 -15.55 -24.04 3.01
N GLY A 40 -15.68 -25.16 2.29
CA GLY A 40 -16.68 -25.29 1.25
C GLY A 40 -16.43 -24.48 -0.02
N ARG A 41 -15.25 -23.90 -0.19
CA ARG A 41 -14.97 -23.06 -1.34
C ARG A 41 -15.17 -23.81 -2.66
N ILE A 42 -15.81 -23.15 -3.62
CA ILE A 42 -16.05 -23.72 -4.93
C ILE A 42 -14.81 -23.51 -5.79
N LEU A 43 -14.20 -24.60 -6.24
CA LEU A 43 -12.97 -24.59 -7.03
C LEU A 43 -13.29 -24.68 -8.52
N ARG A 44 -12.29 -24.35 -9.35
CA ARG A 44 -12.48 -24.46 -10.80
C ARG A 44 -12.71 -25.91 -11.21
N GLU A 45 -12.08 -26.87 -10.52
CA GLU A 45 -12.32 -28.28 -10.81
C GLU A 45 -13.77 -28.65 -10.53
N ASP A 46 -14.35 -28.09 -9.45
CA ASP A 46 -15.75 -28.38 -9.14
C ASP A 46 -16.65 -27.95 -10.30
N VAL A 47 -16.41 -26.76 -10.86
CA VAL A 47 -17.27 -26.23 -11.92
C VAL A 47 -17.10 -27.04 -13.21
N GLN A 48 -15.85 -27.36 -13.55
CA GLN A 48 -15.60 -28.15 -14.75
C GLN A 48 -16.20 -29.55 -14.61
N ALA A 49 -16.11 -30.16 -13.42
CA ALA A 49 -16.74 -31.46 -13.23
C ALA A 49 -18.25 -31.38 -13.41
N TYR A 50 -18.86 -30.26 -12.97
CA TYR A 50 -20.31 -30.13 -12.99
C TYR A 50 -20.88 -29.99 -14.40
N VAL A 51 -20.12 -29.38 -15.32
CA VAL A 51 -20.66 -29.16 -16.67
C VAL A 51 -20.98 -30.49 -17.35
N LYS A 52 -20.25 -31.55 -17.05
CA LYS A 52 -20.59 -32.87 -17.56
C LYS A 52 -21.01 -33.82 -16.44
N SER B 1 16.21 -13.83 48.70
CA SER B 1 15.55 -14.18 47.46
C SER B 1 14.01 -14.08 47.58
N THR B 2 13.33 -14.23 46.44
CA THR B 2 11.87 -14.18 46.32
C THR B 2 11.44 -15.42 45.56
N GLU B 3 10.29 -16.00 45.92
CA GLU B 3 9.78 -17.19 45.25
C GLU B 3 8.40 -16.90 44.69
N ILE B 4 8.16 -17.34 43.47
CA ILE B 4 6.94 -17.12 42.70
C ILE B 4 6.59 -18.43 42.01
N LYS B 5 5.30 -18.70 41.87
CA LYS B 5 4.82 -19.78 41.02
C LYS B 5 3.80 -19.22 40.04
N THR B 6 3.89 -19.68 38.80
CA THR B 6 2.99 -19.25 37.74
C THR B 6 2.67 -20.46 36.85
N GLN B 7 1.59 -20.33 36.08
CA GLN B 7 1.29 -21.36 35.08
C GLN B 7 2.27 -21.29 33.91
N VAL B 8 2.47 -20.11 33.34
CA VAL B 8 3.34 -19.93 32.17
C VAL B 8 4.37 -18.88 32.51
N VAL B 9 5.65 -19.17 32.27
CA VAL B 9 6.66 -18.12 32.34
C VAL B 9 7.20 -17.92 30.94
N VAL B 10 7.30 -16.65 30.53
CA VAL B 10 7.83 -16.29 29.22
C VAL B 10 9.19 -15.62 29.43
N LEU B 11 10.23 -16.20 28.83
CA LEU B 11 11.59 -15.72 28.96
C LEU B 11 11.94 -14.87 27.73
N GLY B 12 11.98 -13.55 27.92
CA GLY B 12 12.18 -12.60 26.84
C GLY B 12 10.89 -11.86 26.49
N ALA B 13 10.97 -10.56 26.21
CA ALA B 13 9.77 -9.73 26.02
C ALA B 13 9.75 -9.01 24.68
N GLY B 14 10.37 -9.59 23.66
CA GLY B 14 10.28 -9.04 22.31
C GLY B 14 8.95 -9.39 21.67
N PRO B 15 8.78 -9.08 20.38
CA PRO B 15 7.50 -9.39 19.71
C PRO B 15 7.01 -10.81 19.94
N ALA B 16 7.91 -11.79 19.99
CA ALA B 16 7.48 -13.15 20.20
C ALA B 16 7.00 -13.36 21.64
N GLY B 17 7.82 -12.96 22.61
CA GLY B 17 7.52 -13.23 24.01
C GLY B 17 6.32 -12.46 24.55
N TYR B 18 6.26 -11.16 24.27
CA TYR B 18 5.13 -10.46 24.88
C TYR B 18 3.81 -10.82 24.21
N SER B 19 3.83 -11.10 22.89
CA SER B 19 2.61 -11.57 22.23
C SER B 19 2.18 -12.91 22.81
N ALA B 20 3.14 -13.79 23.10
CA ALA B 20 2.78 -15.07 23.71
C ALA B 20 2.21 -14.86 25.10
N ALA B 21 2.82 -13.96 25.87
CA ALA B 21 2.36 -13.71 27.24
C ALA B 21 0.95 -13.14 27.26
N PHE B 22 0.70 -12.12 26.43
CA PHE B 22 -0.59 -11.46 26.37
C PHE B 22 -1.66 -12.42 25.86
N ARG B 23 -1.31 -13.27 24.88
CA ARG B 23 -2.25 -14.28 24.41
C ARG B 23 -2.57 -15.29 25.52
N CYS B 24 -1.54 -15.77 26.23
CA CYS B 24 -1.77 -16.61 27.41
C CYS B 24 -2.74 -15.93 28.38
N ALA B 25 -2.49 -14.66 28.69
CA ALA B 25 -3.34 -13.95 29.63
C ALA B 25 -4.79 -13.88 29.11
N ASP B 26 -4.97 -13.61 27.81
CA ASP B 26 -6.32 -13.55 27.24
C ASP B 26 -7.04 -14.90 27.25
N LEU B 27 -6.29 -16.00 27.26
CA LEU B 27 -6.85 -17.35 27.35
C LEU B 27 -7.02 -17.83 28.79
N GLY B 28 -6.85 -16.95 29.77
CA GLY B 28 -7.11 -17.29 31.17
C GLY B 28 -5.98 -17.96 31.91
N LEU B 29 -4.74 -17.84 31.45
CA LEU B 29 -3.59 -18.49 32.08
C LEU B 29 -2.79 -17.48 32.88
N GLU B 30 -2.33 -17.90 34.05
CA GLU B 30 -1.52 -17.03 34.90
C GLU B 30 -0.11 -16.97 34.31
N THR B 31 0.37 -15.76 34.05
CA THR B 31 1.53 -15.58 33.17
C THR B 31 2.49 -14.57 33.79
N VAL B 32 3.78 -14.86 33.70
CA VAL B 32 4.83 -13.96 34.13
C VAL B 32 5.86 -13.79 33.00
N ILE B 33 6.30 -12.55 32.80
CA ILE B 33 7.32 -12.18 31.81
C ILE B 33 8.65 -11.94 32.54
N VAL B 34 9.73 -12.48 32.01
CA VAL B 34 11.08 -12.17 32.47
C VAL B 34 11.81 -11.44 31.35
N GLU B 35 12.37 -10.27 31.66
CA GLU B 35 13.05 -9.44 30.67
C GLU B 35 14.28 -8.79 31.28
N ARG B 36 15.43 -8.92 30.61
CA ARG B 36 16.64 -8.34 31.14
C ARG B 36 16.71 -6.83 30.90
N TYR B 37 16.07 -6.31 29.87
CA TYR B 37 16.14 -4.87 29.68
C TYR B 37 15.03 -4.18 30.48
N ASN B 38 15.15 -2.86 30.59
CA ASN B 38 14.22 -2.08 31.41
C ASN B 38 12.82 -1.99 30.80
N THR B 39 12.68 -2.17 29.49
CA THR B 39 11.40 -2.02 28.81
C THR B 39 11.01 -3.35 28.16
N LEU B 40 9.71 -3.48 27.85
CA LEU B 40 9.25 -4.57 27.00
C LEU B 40 9.46 -4.21 25.53
N GLY B 41 9.29 -5.19 24.64
CA GLY B 41 9.37 -4.97 23.20
C GLY B 41 10.63 -5.53 22.54
N GLY B 42 11.64 -5.91 23.34
CA GLY B 42 12.79 -6.64 22.83
C GLY B 42 13.60 -5.84 21.84
N VAL B 43 14.24 -6.57 20.91
CA VAL B 43 15.07 -5.90 19.91
C VAL B 43 14.20 -5.06 18.97
N CYS B 44 13.07 -5.62 18.51
CA CYS B 44 12.28 -4.92 17.49
C CYS B 44 11.93 -3.50 17.95
N LEU B 45 11.35 -3.37 19.14
CA LEU B 45 10.92 -2.06 19.61
C LEU B 45 12.08 -1.17 20.05
N ASN B 46 13.07 -1.73 20.74
CA ASN B 46 14.03 -0.85 21.43
C ASN B 46 15.27 -0.56 20.60
N VAL B 47 15.76 -1.51 19.81
CA VAL B 47 17.02 -1.32 19.09
C VAL B 47 16.94 -1.97 17.70
N GLY B 48 15.74 -1.98 17.11
CA GLY B 48 15.49 -2.78 15.92
C GLY B 48 14.56 -2.15 14.91
N CYS B 49 13.48 -2.88 14.57
CA CYS B 49 12.54 -2.41 13.54
C CYS B 49 12.13 -0.97 13.76
N ILE B 50 11.66 -0.64 14.96
CA ILE B 50 10.97 0.64 15.18
C ILE B 50 11.93 1.82 15.08
N PRO B 51 13.05 1.85 15.83
CA PRO B 51 13.97 3.00 15.64
C PRO B 51 14.55 3.08 14.23
N SER B 52 14.80 1.94 13.56
CA SER B 52 15.35 2.01 12.21
C SER B 52 14.34 2.60 11.22
N LYS B 53 13.06 2.20 11.29
CA LYS B 53 12.08 2.78 10.38
C LYS B 53 11.79 4.25 10.71
N ALA B 54 11.91 4.65 11.98
CA ALA B 54 11.84 6.07 12.31
C ALA B 54 12.94 6.87 11.60
N LEU B 55 14.20 6.43 11.74
CA LEU B 55 15.30 7.14 11.09
C LEU B 55 15.19 7.03 9.56
N LEU B 56 14.72 5.89 9.06
CA LEU B 56 14.54 5.74 7.62
C LEU B 56 13.52 6.73 7.08
N HIS B 57 12.43 6.95 7.82
CA HIS B 57 11.44 7.92 7.37
C HIS B 57 12.02 9.33 7.31
N VAL B 58 12.89 9.67 8.27
CA VAL B 58 13.61 10.95 8.20
C VAL B 58 14.47 11.00 6.95
N ALA B 59 15.19 9.91 6.68
CA ALA B 59 16.08 9.90 5.52
C ALA B 59 15.28 10.06 4.23
N LYS B 60 14.08 9.47 4.18
CA LYS B 60 13.30 9.50 2.95
C LYS B 60 12.75 10.90 2.69
N VAL B 61 12.31 11.59 3.74
CA VAL B 61 11.86 12.97 3.59
C VAL B 61 13.01 13.87 3.15
N ILE B 62 14.20 13.69 3.73
CA ILE B 62 15.35 14.50 3.32
C ILE B 62 15.59 14.36 1.84
N GLU B 63 15.60 13.12 1.34
CA GLU B 63 15.89 12.91 -0.07
C GLU B 63 14.71 13.31 -0.96
N GLU B 64 13.47 13.17 -0.50
CA GLU B 64 12.36 13.66 -1.31
C GLU B 64 12.34 15.18 -1.36
N ALA B 65 12.74 15.84 -0.28
CA ALA B 65 12.77 17.30 -0.29
C ALA B 65 13.84 17.83 -1.24
N LYS B 66 15.02 17.22 -1.27
CA LYS B 66 16.04 17.62 -2.24
C LYS B 66 15.55 17.41 -3.67
N ALA B 67 14.88 16.27 -3.93
CA ALA B 67 14.43 15.95 -5.28
C ALA B 67 13.43 16.96 -5.82
N LEU B 68 12.70 17.67 -4.95
CA LEU B 68 11.68 18.63 -5.37
C LEU B 68 12.26 19.92 -5.94
N ALA B 69 13.51 20.25 -5.62
CA ALA B 69 14.11 21.51 -6.09
C ALA B 69 14.13 21.57 -7.61
N GLU B 70 14.38 20.43 -8.27
CA GLU B 70 14.38 20.39 -9.72
C GLU B 70 13.00 20.68 -10.31
N HIS B 71 11.93 20.61 -9.51
CA HIS B 71 10.58 20.88 -9.97
C HIS B 71 10.03 22.19 -9.41
N GLY B 72 10.90 23.06 -8.90
CA GLY B 72 10.50 24.40 -8.53
C GLY B 72 10.09 24.60 -7.09
N ILE B 73 10.51 23.72 -6.19
CA ILE B 73 10.21 23.85 -4.76
C ILE B 73 11.54 23.64 -4.06
N VAL B 74 12.23 24.73 -3.76
CA VAL B 74 13.61 24.70 -3.29
C VAL B 74 13.63 24.91 -1.79
N PHE B 75 13.89 23.84 -1.05
CA PHE B 75 14.18 23.95 0.38
C PHE B 75 15.66 24.26 0.54
N GLY B 76 15.97 25.16 1.47
CA GLY B 76 17.35 25.36 1.85
C GLY B 76 17.98 24.07 2.36
N GLU B 77 19.31 24.06 2.45
CA GLU B 77 19.99 22.92 3.04
C GLU B 77 19.42 22.65 4.44
N PRO B 78 19.17 21.39 4.79
CA PRO B 78 18.54 21.09 6.09
C PRO B 78 19.54 21.25 7.23
N LYS B 79 19.19 22.08 8.20
CA LYS B 79 19.98 22.21 9.42
C LYS B 79 19.57 21.12 10.40
N THR B 80 20.54 20.30 10.81
CA THR B 80 20.29 19.07 11.56
C THR B 80 20.87 19.18 12.97
N ASP B 81 20.09 18.77 13.97
CA ASP B 81 20.53 18.70 15.36
C ASP B 81 20.47 17.23 15.78
N ILE B 82 21.62 16.58 15.82
CA ILE B 82 21.65 15.13 16.04
C ILE B 82 20.98 14.76 17.38
N ASP B 83 21.22 15.55 18.43
CA ASP B 83 20.69 15.17 19.74
C ASP B 83 19.16 15.33 19.78
N LYS B 84 18.61 16.27 19.01
CA LYS B 84 17.15 16.36 18.90
C LYS B 84 16.56 15.17 18.14
N ILE B 85 17.29 14.62 17.17
CA ILE B 85 16.82 13.41 16.50
C ILE B 85 16.82 12.25 17.47
N ARG B 86 17.91 12.09 18.24
CA ARG B 86 17.95 11.13 19.33
C ARG B 86 16.70 11.26 20.21
N THR B 87 16.39 12.48 20.65
CA THR B 87 15.26 12.69 21.54
C THR B 87 13.95 12.25 20.89
N TRP B 88 13.78 12.52 19.59
CA TRP B 88 12.56 12.14 18.90
C TRP B 88 12.47 10.63 18.75
N LYS B 89 13.57 9.99 18.34
CA LYS B 89 13.58 8.53 18.28
C LYS B 89 13.18 7.90 19.60
N GLU B 90 13.67 8.46 20.72
CA GLU B 90 13.35 7.89 22.02
C GLU B 90 11.90 8.17 22.41
N LYS B 91 11.35 9.30 21.96
CA LYS B 91 9.93 9.57 22.22
C LYS B 91 9.03 8.60 21.47
N VAL B 92 9.40 8.22 20.24
CA VAL B 92 8.64 7.22 19.49
C VAL B 92 8.66 5.87 20.24
N ILE B 93 9.85 5.45 20.67
CA ILE B 93 10.00 4.17 21.34
C ILE B 93 9.24 4.15 22.66
N ASN B 94 9.44 5.19 23.48
CA ASN B 94 8.84 5.29 24.81
C ASN B 94 7.32 5.30 24.75
N GLN B 95 6.73 5.85 23.68
CA GLN B 95 5.28 5.78 23.52
C GLN B 95 4.80 4.33 23.43
N LEU B 96 5.53 3.51 22.66
CA LEU B 96 5.16 2.11 22.54
C LEU B 96 5.56 1.31 23.79
N THR B 97 6.75 1.57 24.35
CA THR B 97 7.14 0.79 25.53
C THR B 97 6.20 1.08 26.71
N GLY B 98 5.73 2.33 26.82
CA GLY B 98 4.71 2.63 27.81
C GLY B 98 3.41 1.91 27.52
N GLY B 99 3.02 1.85 26.24
CA GLY B 99 1.84 1.08 25.87
C GLY B 99 1.91 -0.38 26.24
N LEU B 100 3.05 -1.03 25.98
CA LEU B 100 3.22 -2.43 26.32
C LEU B 100 3.17 -2.66 27.84
N ALA B 101 3.83 -1.80 28.61
CA ALA B 101 3.77 -1.90 30.07
C ALA B 101 2.34 -1.71 30.57
N GLY B 102 1.62 -0.74 30.00
CA GLY B 102 0.22 -0.55 30.37
C GLY B 102 -0.66 -1.76 30.06
N MET B 103 -0.43 -2.39 28.90
CA MET B 103 -1.19 -3.59 28.54
C MET B 103 -0.80 -4.78 29.40
N ALA B 104 0.48 -4.88 29.78
CA ALA B 104 0.86 -5.92 30.73
C ALA B 104 0.11 -5.73 32.05
N LYS B 105 0.08 -4.49 32.54
CA LYS B 105 -0.64 -4.20 33.78
C LYS B 105 -2.12 -4.58 33.65
N GLY B 106 -2.75 -4.18 32.55
CA GLY B 106 -4.17 -4.46 32.36
C GLY B 106 -4.49 -5.93 32.22
N ARG B 107 -3.57 -6.71 31.63
CA ARG B 107 -3.77 -8.15 31.58
C ARG B 107 -3.28 -8.87 32.84
N LYS B 108 -2.83 -8.13 33.85
CA LYS B 108 -2.29 -8.72 35.08
C LYS B 108 -1.14 -9.69 34.82
N VAL B 109 -0.25 -9.33 33.88
CA VAL B 109 0.96 -10.10 33.63
C VAL B 109 2.12 -9.44 34.36
N LYS B 110 2.68 -10.16 35.32
CA LYS B 110 3.79 -9.64 36.10
C LYS B 110 5.06 -9.66 35.24
N VAL B 111 5.87 -8.62 35.40
CA VAL B 111 7.19 -8.53 34.76
C VAL B 111 8.26 -8.59 35.84
N VAL B 112 9.12 -9.59 35.75
CA VAL B 112 10.29 -9.71 36.60
C VAL B 112 11.50 -9.24 35.80
N ASN B 113 12.16 -8.19 36.29
CA ASN B 113 13.33 -7.64 35.63
C ASN B 113 14.55 -8.47 35.94
N GLY B 114 15.30 -8.82 34.91
CA GLY B 114 16.62 -9.38 35.11
C GLY B 114 16.91 -10.46 34.09
N LEU B 115 18.02 -11.14 34.32
CA LEU B 115 18.51 -12.19 33.44
C LEU B 115 18.05 -13.53 33.99
N GLY B 116 17.22 -14.25 33.23
CA GLY B 116 16.68 -15.54 33.66
C GLY B 116 17.48 -16.71 33.10
N LYS B 117 17.63 -17.74 33.94
CA LYS B 117 18.23 -19.01 33.55
C LYS B 117 17.44 -20.15 34.17
N PHE B 118 17.34 -21.25 33.44
CA PHE B 118 16.68 -22.43 33.99
C PHE B 118 17.56 -23.11 35.03
N THR B 119 16.95 -23.56 36.13
CA THR B 119 17.66 -24.42 37.06
C THR B 119 17.08 -25.83 37.15
N GLY B 120 15.86 -26.04 36.69
CA GLY B 120 15.34 -27.39 36.57
C GLY B 120 14.23 -27.42 35.53
N ALA B 121 13.65 -28.61 35.36
CA ALA B 121 12.58 -28.78 34.39
C ALA B 121 11.41 -27.85 34.65
N ASN B 122 11.25 -27.35 35.89
CA ASN B 122 10.10 -26.56 36.26
C ASN B 122 10.45 -25.31 37.06
N THR B 123 11.69 -24.83 36.93
CA THR B 123 12.16 -23.75 37.77
C THR B 123 13.13 -22.88 36.97
N LEU B 124 12.93 -21.58 37.06
CA LEU B 124 13.80 -20.59 36.45
C LEU B 124 14.19 -19.56 37.50
N GLU B 125 15.47 -19.17 37.50
CA GLU B 125 15.97 -18.16 38.42
C GLU B 125 16.37 -16.90 37.66
N VAL B 126 16.01 -15.74 38.23
CA VAL B 126 16.27 -14.43 37.66
C VAL B 126 17.16 -13.64 38.61
N GLU B 127 18.16 -12.96 38.05
CA GLU B 127 18.94 -11.96 38.77
C GLU B 127 18.67 -10.61 38.13
N GLY B 128 18.17 -9.67 38.90
CA GLY B 128 17.80 -8.38 38.37
C GLY B 128 17.68 -7.34 39.46
N GLU B 129 16.88 -6.31 39.19
CA GLU B 129 16.82 -5.16 40.08
C GLU B 129 16.20 -5.47 41.44
N ASN B 130 15.46 -6.57 41.56
CA ASN B 130 14.92 -6.97 42.86
C ASN B 130 15.74 -8.08 43.49
N GLY B 131 16.96 -8.31 43.02
CA GLY B 131 17.75 -9.41 43.51
C GLY B 131 17.38 -10.70 42.80
N LYS B 132 17.40 -11.82 43.52
CA LYS B 132 17.15 -13.12 42.92
C LYS B 132 15.69 -13.53 43.11
N THR B 133 15.04 -13.90 42.01
CA THR B 133 13.66 -14.37 42.01
C THR B 133 13.64 -15.75 41.38
N VAL B 134 13.19 -16.76 42.13
CA VAL B 134 13.08 -18.09 41.56
C VAL B 134 11.61 -18.30 41.21
N ILE B 135 11.37 -18.81 40.00
CA ILE B 135 10.04 -18.86 39.40
C ILE B 135 9.74 -20.33 39.10
N ASN B 136 8.81 -20.89 39.86
CA ASN B 136 8.30 -22.23 39.58
C ASN B 136 7.19 -22.11 38.52
N PHE B 137 7.22 -22.99 37.53
CA PHE B 137 6.26 -22.86 36.44
C PHE B 137 5.73 -24.22 36.02
N ASP B 138 4.52 -24.22 35.47
CA ASP B 138 3.98 -25.41 34.81
C ASP B 138 4.45 -25.49 33.35
N ASN B 139 4.59 -24.34 32.68
CA ASN B 139 4.98 -24.26 31.27
C ASN B 139 5.93 -23.08 31.11
N ALA B 140 6.92 -23.21 30.21
CA ALA B 140 7.78 -22.08 29.88
C ALA B 140 7.78 -21.84 28.38
N ILE B 141 7.90 -20.57 28.00
CA ILE B 141 8.05 -20.19 26.59
C ILE B 141 9.38 -19.45 26.46
N ILE B 142 10.35 -20.08 25.80
CA ILE B 142 11.66 -19.47 25.59
C ILE B 142 11.55 -18.54 24.40
N ALA B 143 11.77 -17.24 24.64
CA ALA B 143 11.60 -16.22 23.63
C ALA B 143 12.77 -15.25 23.68
N ALA B 144 13.98 -15.79 23.87
CA ALA B 144 15.13 -14.96 24.25
C ALA B 144 15.88 -14.37 23.07
N GLY B 145 15.46 -14.63 21.83
CA GLY B 145 15.93 -13.81 20.72
C GLY B 145 17.31 -14.14 20.18
N SER B 146 17.90 -13.14 19.53
CA SER B 146 19.19 -13.31 18.87
C SER B 146 20.06 -12.10 19.19
N ARG B 147 21.26 -12.07 18.62
CA ARG B 147 22.24 -11.03 18.91
C ARG B 147 23.14 -10.87 17.69
N PRO B 148 23.74 -9.69 17.51
CA PRO B 148 24.62 -9.49 16.35
C PRO B 148 25.83 -10.42 16.41
N ILE B 149 26.21 -10.95 15.24
CA ILE B 149 27.49 -11.65 15.10
C ILE B 149 28.65 -10.67 15.30
N GLN B 150 29.67 -11.11 16.05
CA GLN B 150 30.94 -10.40 16.17
C GLN B 150 32.05 -11.24 15.56
N LEU B 151 33.12 -10.56 15.06
CA LEU B 151 34.27 -11.32 14.58
C LEU B 151 35.42 -11.22 15.59
N PRO B 152 36.25 -12.26 15.68
CA PRO B 152 37.28 -12.30 16.74
C PRO B 152 38.37 -11.28 16.53
N PHE B 153 38.72 -10.94 15.29
CA PHE B 153 39.83 -10.03 15.04
C PHE B 153 39.39 -8.57 15.01
N ILE B 154 38.14 -8.28 15.28
CA ILE B 154 37.62 -6.91 15.30
C ILE B 154 37.67 -6.39 16.73
N PRO B 155 38.27 -5.20 16.99
CA PRO B 155 38.28 -4.60 18.33
C PRO B 155 36.97 -3.89 18.65
N HIS B 156 35.93 -4.68 18.96
CA HIS B 156 34.57 -4.16 19.11
C HIS B 156 34.44 -3.12 20.22
N GLU B 157 35.37 -3.12 21.18
CA GLU B 157 35.31 -2.19 22.31
C GLU B 157 35.62 -0.76 21.91
N ASP B 158 36.24 -0.54 20.76
CA ASP B 158 36.40 0.81 20.26
C ASP B 158 35.01 1.42 20.01
N PRO B 159 34.78 2.67 20.43
CA PRO B 159 33.49 3.30 20.17
C PRO B 159 33.19 3.52 18.69
N ARG B 160 34.19 3.39 17.83
CA ARG B 160 34.04 3.57 16.39
C ARG B 160 33.70 2.26 15.68
N ILE B 161 33.71 1.15 16.40
CA ILE B 161 33.29 -0.13 15.86
C ILE B 161 31.86 -0.34 16.36
N TRP B 162 30.89 -0.30 15.44
CA TRP B 162 29.48 -0.33 15.80
C TRP B 162 28.85 -1.68 15.50
N ASP B 163 27.86 -2.06 16.31
CA ASP B 163 26.86 -2.99 15.83
C ASP B 163 25.58 -2.19 15.54
N SER B 164 24.49 -2.86 15.22
CA SER B 164 23.30 -2.11 14.85
C SER B 164 22.78 -1.28 16.02
N THR B 165 22.96 -1.77 17.26
CA THR B 165 22.49 -0.99 18.41
C THR B 165 23.26 0.32 18.55
N ASP B 166 24.58 0.26 18.47
CA ASP B 166 25.39 1.48 18.40
C ASP B 166 24.90 2.39 17.29
N ALA B 167 24.70 1.84 16.09
CA ALA B 167 24.30 2.67 14.96
C ALA B 167 22.98 3.40 15.24
N LEU B 168 22.02 2.73 15.86
CA LEU B 168 20.77 3.43 16.14
C LEU B 168 20.91 4.43 17.27
N GLU B 169 22.03 4.45 18.00
CA GLU B 169 22.19 5.45 19.05
C GLU B 169 22.61 6.81 18.51
N LEU B 170 23.04 6.88 17.25
CA LEU B 170 23.37 8.17 16.63
C LEU B 170 24.49 8.89 17.41
N LYS B 171 25.61 8.20 17.57
CA LYS B 171 26.71 8.75 18.37
C LYS B 171 27.32 9.98 17.71
N GLU B 172 27.45 9.95 16.39
CA GLU B 172 28.10 10.95 15.55
C GLU B 172 27.71 10.60 14.12
N VAL B 173 27.84 11.58 13.22
CA VAL B 173 27.75 11.30 11.79
C VAL B 173 29.17 11.13 11.30
N PRO B 174 29.68 9.91 11.14
CA PRO B 174 31.06 9.75 10.70
C PRO B 174 31.21 10.24 9.26
N GLU B 175 32.38 10.80 8.95
CA GLU B 175 32.60 11.27 7.58
C GLU B 175 32.64 10.12 6.59
N ARG B 176 33.28 9.02 6.96
CA ARG B 176 33.32 7.83 6.13
C ARG B 176 32.93 6.63 6.99
N LEU B 177 31.86 5.94 6.60
CA LEU B 177 31.34 4.80 7.33
C LEU B 177 31.44 3.57 6.46
N LEU B 178 32.09 2.53 6.96
CA LEU B 178 32.08 1.24 6.29
C LEU B 178 30.97 0.38 6.89
N VAL B 179 30.11 -0.15 6.03
CA VAL B 179 29.13 -1.16 6.40
C VAL B 179 29.66 -2.52 5.97
N MET B 180 29.90 -3.39 6.93
CA MET B 180 30.25 -4.78 6.64
C MET B 180 28.97 -5.60 6.59
N GLY B 181 28.72 -6.22 5.43
CA GLY B 181 27.45 -6.91 5.18
C GLY B 181 26.55 -6.18 4.20
N GLY B 182 26.10 -6.87 3.15
CA GLY B 182 25.12 -6.29 2.27
C GLY B 182 23.73 -6.81 2.55
N GLY B 183 23.46 -7.21 3.78
CA GLY B 183 22.12 -7.61 4.17
C GLY B 183 21.24 -6.40 4.45
N ILE B 184 19.99 -6.69 4.83
CA ILE B 184 18.98 -5.64 5.02
C ILE B 184 19.41 -4.61 6.06
N ILE B 185 19.78 -5.08 7.26
CA ILE B 185 20.05 -4.18 8.37
C ILE B 185 21.18 -3.19 8.02
N GLY B 186 22.27 -3.71 7.44
CA GLY B 186 23.40 -2.84 7.09
C GLY B 186 23.08 -1.85 5.98
N LEU B 187 22.27 -2.28 5.00
CA LEU B 187 21.85 -1.36 3.93
C LEU B 187 20.97 -0.25 4.48
N GLU B 188 20.07 -0.60 5.40
CA GLU B 188 19.18 0.41 5.99
C GLU B 188 19.98 1.41 6.80
N MET B 189 20.96 0.93 7.55
CA MET B 189 21.78 1.86 8.32
C MET B 189 22.64 2.72 7.39
N GLY B 190 23.17 2.16 6.29
CA GLY B 190 23.84 2.99 5.31
C GLY B 190 22.92 4.06 4.74
N THR B 191 21.65 3.72 4.50
CA THR B 191 20.71 4.71 3.96
C THR B 191 20.50 5.86 4.93
N VAL B 192 20.41 5.55 6.22
CA VAL B 192 20.18 6.61 7.22
C VAL B 192 21.39 7.54 7.28
N TYR B 193 22.59 6.96 7.46
CA TYR B 193 23.77 7.81 7.63
C TYR B 193 24.13 8.54 6.34
N HIS B 194 23.88 7.95 5.18
CA HIS B 194 24.10 8.71 3.95
C HIS B 194 23.27 9.99 3.96
N ALA B 195 22.00 9.90 4.34
CA ALA B 195 21.15 11.07 4.34
C ALA B 195 21.53 12.08 5.41
N LEU B 196 22.24 11.66 6.46
CA LEU B 196 22.77 12.56 7.47
C LEU B 196 24.13 13.13 7.07
N GLY B 197 24.71 12.66 5.97
CA GLY B 197 25.95 13.24 5.46
C GLY B 197 27.13 12.31 5.42
N SER B 198 27.04 11.06 5.86
CA SER B 198 28.17 10.14 5.79
C SER B 198 28.42 9.66 4.35
N GLN B 199 29.69 9.53 3.97
CA GLN B 199 30.04 8.71 2.82
C GLN B 199 29.97 7.24 3.23
N ILE B 200 29.32 6.42 2.39
CA ILE B 200 29.01 5.03 2.73
C ILE B 200 29.74 4.08 1.79
N ASP B 201 30.58 3.20 2.36
CA ASP B 201 31.09 2.01 1.68
C ASP B 201 30.34 0.79 2.19
N VAL B 202 30.04 -0.15 1.29
CA VAL B 202 29.44 -1.43 1.67
C VAL B 202 30.30 -2.55 1.11
N VAL B 203 30.72 -3.47 1.98
CA VAL B 203 31.47 -4.66 1.56
C VAL B 203 30.61 -5.90 1.80
N GLU B 204 30.45 -6.70 0.75
CA GLU B 204 29.58 -7.88 0.74
C GLU B 204 30.36 -9.04 0.12
N MET B 205 30.37 -10.19 0.80
CA MET B 205 31.16 -11.31 0.29
C MET B 205 30.49 -11.99 -0.91
N PHE B 206 29.18 -11.87 -1.06
CA PHE B 206 28.48 -12.54 -2.15
C PHE B 206 28.38 -11.60 -3.36
N ASP B 207 27.90 -12.16 -4.47
CA ASP B 207 27.85 -11.41 -5.71
C ASP B 207 26.64 -10.49 -5.82
N GLN B 208 25.78 -10.45 -4.81
CA GLN B 208 24.70 -9.46 -4.77
C GLN B 208 24.37 -9.12 -3.33
N VAL B 209 23.89 -7.89 -3.11
CA VAL B 209 23.31 -7.53 -1.82
C VAL B 209 21.96 -8.24 -1.70
N ILE B 210 21.40 -8.27 -0.49
CA ILE B 210 20.16 -8.99 -0.18
C ILE B 210 20.17 -10.34 -0.92
N PRO B 211 21.02 -11.28 -0.52
CA PRO B 211 21.23 -12.50 -1.33
C PRO B 211 19.97 -13.32 -1.59
N ALA B 212 19.02 -13.32 -0.66
CA ALA B 212 17.81 -14.14 -0.84
C ALA B 212 16.90 -13.59 -1.94
N ALA B 213 16.97 -12.29 -2.23
CA ALA B 213 16.02 -11.71 -3.16
C ALA B 213 16.44 -12.02 -4.60
N ASP B 214 15.45 -12.00 -5.50
CA ASP B 214 15.71 -12.36 -6.89
C ASP B 214 16.60 -11.35 -7.60
N LYS B 215 17.35 -11.86 -8.58
CA LYS B 215 18.33 -11.08 -9.32
C LYS B 215 17.71 -9.89 -10.04
N ASP B 216 16.55 -10.08 -10.67
CA ASP B 216 15.98 -8.96 -11.41
C ASP B 216 15.51 -7.85 -10.46
N ILE B 217 14.94 -8.22 -9.32
CA ILE B 217 14.55 -7.23 -8.32
C ILE B 217 15.77 -6.47 -7.79
N VAL B 218 16.82 -7.21 -7.44
CA VAL B 218 18.02 -6.60 -6.88
C VAL B 218 18.78 -5.77 -7.90
N LYS B 219 18.70 -6.13 -9.19
CA LYS B 219 19.35 -5.33 -10.22
C LYS B 219 18.85 -3.90 -10.21
N VAL B 220 17.53 -3.71 -10.11
CA VAL B 220 16.96 -2.36 -10.02
C VAL B 220 17.46 -1.67 -8.76
N PHE B 221 17.48 -2.39 -7.64
CA PHE B 221 17.97 -1.79 -6.39
C PHE B 221 19.45 -1.43 -6.51
N THR B 222 20.27 -2.33 -7.03
CA THR B 222 21.70 -2.08 -7.08
C THR B 222 22.02 -0.88 -7.97
N LYS B 223 21.26 -0.66 -9.04
CA LYS B 223 21.53 0.48 -9.91
C LYS B 223 21.35 1.80 -9.15
N ARG B 224 20.33 1.88 -8.28
CA ARG B 224 20.14 3.10 -7.50
C ARG B 224 21.20 3.27 -6.43
N ILE B 225 21.44 2.24 -5.62
CA ILE B 225 22.32 2.51 -4.49
C ILE B 225 23.75 2.72 -4.93
N SER B 226 24.14 2.19 -6.10
CA SER B 226 25.48 2.42 -6.64
C SER B 226 25.75 3.88 -6.89
N LYS B 227 24.73 4.72 -7.05
CA LYS B 227 25.00 6.15 -7.11
C LYS B 227 25.35 6.70 -5.75
N LYS B 228 24.83 6.12 -4.68
CA LYS B 228 25.02 6.70 -3.36
C LYS B 228 26.15 6.07 -2.59
N PHE B 229 26.37 4.77 -2.77
CA PHE B 229 27.29 3.98 -1.96
C PHE B 229 28.47 3.54 -2.81
N ASN B 230 29.58 3.27 -2.15
CA ASN B 230 30.67 2.52 -2.76
C ASN B 230 30.40 1.05 -2.45
N LEU B 231 29.84 0.34 -3.42
CA LEU B 231 29.47 -1.06 -3.22
C LEU B 231 30.60 -1.98 -3.66
N MET B 232 31.15 -2.76 -2.73
CA MET B 232 32.23 -3.71 -3.02
C MET B 232 31.75 -5.15 -2.89
N LEU B 233 31.29 -5.73 -4.02
CA LEU B 233 30.79 -7.10 -4.06
C LEU B 233 31.93 -8.10 -4.19
N GLU B 234 31.62 -9.35 -3.83
CA GLU B 234 32.60 -10.45 -3.81
C GLU B 234 33.90 -10.00 -3.15
N THR B 235 33.77 -9.31 -2.01
CA THR B 235 34.88 -8.74 -1.27
C THR B 235 34.72 -9.08 0.20
N LYS B 236 35.83 -9.37 0.87
CA LYS B 236 35.83 -9.80 2.27
C LYS B 236 36.81 -8.96 3.09
N VAL B 237 36.41 -8.65 4.32
CA VAL B 237 37.28 -7.98 5.29
C VAL B 237 38.23 -9.02 5.89
N THR B 238 39.53 -8.71 5.90
CA THR B 238 40.51 -9.63 6.47
C THR B 238 41.20 -9.10 7.72
N ALA B 239 41.18 -7.79 7.96
CA ALA B 239 41.82 -7.21 9.13
C ALA B 239 41.15 -5.89 9.44
N VAL B 240 41.06 -5.58 10.73
CA VAL B 240 40.54 -4.31 11.22
C VAL B 240 41.43 -3.86 12.37
N GLU B 241 42.05 -2.69 12.23
CA GLU B 241 42.97 -2.18 13.24
C GLU B 241 42.58 -0.76 13.63
N ALA B 242 42.46 -0.51 14.93
CA ALA B 242 42.10 0.81 15.45
C ALA B 242 43.35 1.66 15.63
N LYS B 243 43.42 2.79 14.93
CA LYS B 243 44.47 3.77 15.13
C LYS B 243 43.83 5.09 15.55
N GLU B 244 44.65 6.04 15.99
CA GLU B 244 44.07 7.28 16.52
C GLU B 244 43.27 8.01 15.44
N ASP B 245 43.74 7.98 14.20
CA ASP B 245 43.05 8.75 13.17
C ASP B 245 41.87 8.01 12.55
N GLY B 246 41.67 6.74 12.87
CA GLY B 246 40.48 6.04 12.41
C GLY B 246 40.70 4.54 12.41
N ILE B 247 39.75 3.84 11.81
CA ILE B 247 39.73 2.38 11.75
C ILE B 247 40.24 1.96 10.38
N TYR B 248 41.33 1.19 10.35
CA TYR B 248 41.93 0.76 9.10
C TYR B 248 41.47 -0.65 8.77
N VAL B 249 40.87 -0.81 7.60
CA VAL B 249 40.23 -2.07 7.22
C VAL B 249 40.93 -2.65 6.00
N THR B 250 41.41 -3.87 6.12
CA THR B 250 42.02 -4.58 5.01
C THR B 250 40.98 -5.49 4.37
N MET B 251 40.83 -5.40 3.05
CA MET B 251 39.90 -6.25 2.31
C MET B 251 40.62 -7.02 1.22
N GLU B 252 40.05 -8.17 0.87
CA GLU B 252 40.47 -8.99 -0.25
C GLU B 252 39.27 -9.21 -1.17
N GLY B 253 39.52 -9.30 -2.46
CA GLY B 253 38.45 -9.55 -3.39
C GLY B 253 38.52 -8.62 -4.57
N LYS B 254 37.49 -8.69 -5.40
CA LYS B 254 37.53 -8.12 -6.75
C LYS B 254 37.70 -6.61 -6.72
N LYS B 255 37.15 -5.94 -5.71
CA LYS B 255 37.19 -4.48 -5.62
C LYS B 255 37.89 -4.03 -4.36
N ALA B 256 38.60 -4.94 -3.70
CA ALA B 256 39.39 -4.59 -2.54
C ALA B 256 40.51 -3.65 -2.92
N PRO B 257 40.68 -2.52 -2.24
CA PRO B 257 41.86 -1.69 -2.46
C PRO B 257 43.11 -2.44 -2.01
N ALA B 258 44.23 -2.16 -2.70
CA ALA B 258 45.48 -2.79 -2.31
C ALA B 258 45.87 -2.43 -0.89
N GLU B 259 45.74 -1.15 -0.53
CA GLU B 259 46.01 -0.50 0.75
C GLU B 259 44.83 -0.64 1.71
N PRO B 260 45.08 -0.97 2.97
CA PRO B 260 44.04 -0.81 4.00
C PRO B 260 43.48 0.60 3.98
N GLN B 261 42.15 0.70 4.05
CA GLN B 261 41.43 1.96 3.94
C GLN B 261 41.05 2.48 5.32
N ARG B 262 41.07 3.80 5.47
CA ARG B 262 40.75 4.48 6.73
C ARG B 262 39.28 4.86 6.76
N TYR B 263 38.59 4.49 7.84
CA TYR B 263 37.20 4.82 8.08
C TYR B 263 37.07 5.47 9.45
N ASP B 264 36.11 6.40 9.56
CA ASP B 264 35.77 6.99 10.85
C ASP B 264 34.95 6.07 11.72
N ALA B 265 34.22 5.14 11.11
CA ALA B 265 33.40 4.18 11.84
C ALA B 265 33.18 2.98 10.96
N VAL B 266 33.07 1.81 11.57
CA VAL B 266 32.77 0.58 10.88
C VAL B 266 31.54 -0.04 11.56
N LEU B 267 30.50 -0.28 10.78
CA LEU B 267 29.30 -0.96 11.25
C LEU B 267 29.43 -2.44 10.90
N VAL B 268 29.46 -3.29 11.92
CA VAL B 268 29.55 -4.74 11.70
C VAL B 268 28.12 -5.29 11.66
N ALA B 269 27.63 -5.60 10.47
CA ALA B 269 26.25 -6.09 10.34
C ALA B 269 26.24 -7.30 9.44
N ILE B 270 26.96 -8.33 9.87
CA ILE B 270 27.14 -9.51 9.05
C ILE B 270 26.14 -10.60 9.41
N GLY B 271 25.17 -10.31 10.27
CA GLY B 271 24.13 -11.27 10.59
C GLY B 271 23.88 -11.39 12.08
N ARG B 272 22.98 -12.30 12.47
CA ARG B 272 22.59 -12.45 13.87
C ARG B 272 22.60 -13.93 14.24
N VAL B 273 22.88 -14.19 15.51
CA VAL B 273 23.00 -15.56 16.01
C VAL B 273 22.02 -15.75 17.15
N PRO B 274 21.32 -16.89 17.23
CA PRO B 274 20.36 -17.13 18.32
C PRO B 274 21.02 -17.25 19.69
N ASN B 275 20.28 -16.80 20.72
CA ASN B 275 20.73 -16.75 22.12
C ASN B 275 20.53 -18.08 22.85
N GLY B 276 20.35 -19.19 22.13
CA GLY B 276 19.89 -20.42 22.78
C GLY B 276 20.89 -21.06 23.71
N LYS B 277 22.17 -20.71 23.60
CA LYS B 277 23.19 -21.31 24.47
C LYS B 277 23.37 -20.55 25.78
N ASN B 278 22.69 -19.44 26.00
CA ASN B 278 23.00 -18.56 27.11
C ASN B 278 21.96 -18.64 28.22
N LEU B 279 21.15 -19.69 28.25
CA LEU B 279 19.98 -19.76 29.12
C LEU B 279 20.04 -20.88 30.17
N ASP B 280 21.12 -21.66 30.20
CA ASP B 280 21.18 -22.92 30.95
C ASP B 280 19.99 -23.84 30.61
N ALA B 281 19.52 -23.76 29.35
CA ALA B 281 18.38 -24.58 28.92
C ALA B 281 18.63 -26.06 29.18
N GLY B 282 19.90 -26.49 29.11
CA GLY B 282 20.24 -27.87 29.43
C GLY B 282 19.79 -28.30 30.81
N LYS B 283 19.73 -27.37 31.76
CA LYS B 283 19.30 -27.71 33.12
C LYS B 283 17.81 -28.04 33.20
N ALA B 284 17.01 -27.62 32.22
CA ALA B 284 15.63 -28.09 32.10
C ALA B 284 15.50 -29.25 31.13
N GLY B 285 16.62 -29.77 30.61
CA GLY B 285 16.60 -30.86 29.66
C GLY B 285 16.31 -30.46 28.23
N VAL B 286 16.30 -29.15 27.92
CA VAL B 286 15.99 -28.67 26.57
C VAL B 286 17.21 -28.84 25.68
N GLU B 287 17.00 -29.36 24.48
CA GLU B 287 18.09 -29.56 23.54
C GLU B 287 18.34 -28.30 22.72
N VAL B 288 19.61 -27.88 22.67
CA VAL B 288 20.07 -26.72 21.92
C VAL B 288 21.03 -27.22 20.85
N ASP B 289 20.78 -26.85 19.58
CA ASP B 289 21.65 -27.36 18.52
C ASP B 289 22.96 -26.58 18.48
N ASP B 290 23.85 -26.98 17.58
CA ASP B 290 25.21 -26.44 17.57
C ASP B 290 25.26 -24.98 17.15
N ARG B 291 24.27 -24.51 16.40
CA ARG B 291 24.19 -23.10 16.02
C ARG B 291 23.63 -22.22 17.14
N GLY B 292 23.16 -22.80 18.24
CA GLY B 292 22.52 -22.04 19.28
C GLY B 292 21.01 -21.91 19.14
N PHE B 293 20.39 -22.60 18.18
CA PHE B 293 18.94 -22.60 18.04
C PHE B 293 18.32 -23.64 18.98
N ILE B 294 17.11 -23.31 19.45
CA ILE B 294 16.26 -24.25 20.17
C ILE B 294 15.20 -24.68 19.18
N ARG B 295 15.37 -25.86 18.58
CA ARG B 295 14.44 -26.28 17.53
C ARG B 295 13.15 -26.79 18.14
N VAL B 296 12.05 -26.54 17.43
CA VAL B 296 10.71 -26.83 17.91
C VAL B 296 9.93 -27.54 16.80
N ASP B 297 8.83 -28.20 17.19
CA ASP B 297 7.93 -28.84 16.25
C ASP B 297 6.86 -27.84 15.79
N LYS B 298 5.85 -28.32 15.07
CA LYS B 298 4.83 -27.45 14.47
C LYS B 298 3.92 -26.80 15.51
N GLN B 299 3.97 -27.25 16.77
CA GLN B 299 3.22 -26.60 17.84
C GLN B 299 4.15 -25.85 18.78
N LEU B 300 5.37 -25.56 18.33
CA LEU B 300 6.33 -24.72 19.04
C LEU B 300 6.91 -25.39 20.28
N ARG B 301 6.74 -26.71 20.44
CA ARG B 301 7.31 -27.43 21.57
C ARG B 301 8.77 -27.80 21.32
N THR B 302 9.58 -27.70 22.38
CA THR B 302 10.94 -28.25 22.35
C THR B 302 10.87 -29.75 22.58
N ASN B 303 12.03 -30.40 22.76
CA ASN B 303 12.02 -31.82 23.13
C ASN B 303 11.38 -32.06 24.49
N VAL B 304 11.21 -31.03 25.32
CA VAL B 304 10.57 -31.13 26.62
C VAL B 304 9.12 -30.64 26.46
N PRO B 305 8.12 -31.53 26.58
CA PRO B 305 6.77 -31.18 26.08
C PRO B 305 6.14 -29.94 26.71
N HIS B 306 6.48 -29.58 27.95
CA HIS B 306 5.87 -28.39 28.56
C HIS B 306 6.71 -27.13 28.36
N ILE B 307 7.79 -27.20 27.59
CA ILE B 307 8.65 -26.04 27.33
C ILE B 307 8.63 -25.77 25.82
N PHE B 308 8.20 -24.56 25.45
CA PHE B 308 8.05 -24.10 24.08
C PHE B 308 9.15 -23.09 23.77
N ALA B 309 9.37 -22.84 22.48
CA ALA B 309 10.28 -21.77 22.08
C ALA B 309 9.73 -21.14 20.80
N ILE B 310 10.03 -19.84 20.60
CA ILE B 310 9.40 -19.03 19.57
C ILE B 310 10.35 -17.89 19.19
N GLY B 311 10.21 -17.40 17.96
CA GLY B 311 10.89 -16.17 17.54
C GLY B 311 12.24 -16.44 16.91
N ASP B 312 13.15 -15.46 16.94
CA ASP B 312 14.48 -15.66 16.36
C ASP B 312 15.16 -16.92 16.89
N ILE B 313 14.94 -17.27 18.15
CA ILE B 313 15.74 -18.32 18.77
C ILE B 313 15.47 -19.72 18.22
N VAL B 314 14.37 -19.91 17.48
CA VAL B 314 14.08 -21.23 16.93
C VAL B 314 14.52 -21.40 15.48
N GLY B 315 14.83 -20.33 14.76
CA GLY B 315 15.31 -20.48 13.40
C GLY B 315 15.00 -19.28 12.54
N GLN B 316 15.51 -19.35 11.29
CA GLN B 316 15.24 -18.37 10.24
C GLN B 316 13.82 -18.57 9.71
N PRO B 317 13.17 -17.50 9.23
CA PRO B 317 13.67 -16.12 9.15
C PRO B 317 13.58 -15.41 10.50
N MET B 318 14.59 -14.64 10.89
CA MET B 318 14.54 -13.88 12.15
C MET B 318 13.78 -12.58 11.91
N LEU B 319 12.45 -12.68 11.92
CA LEU B 319 11.58 -11.54 11.66
C LEU B 319 10.54 -11.41 12.75
N ALA B 320 10.15 -10.16 13.04
CA ALA B 320 9.26 -9.87 14.15
C ALA B 320 7.90 -10.53 13.96
N HIS B 321 7.30 -10.38 12.76
CA HIS B 321 5.96 -10.93 12.53
C HIS B 321 5.94 -12.46 12.58
N LYS B 322 7.06 -13.14 12.25
CA LYS B 322 7.12 -14.57 12.51
C LYS B 322 6.99 -14.86 14.00
N GLY B 323 7.77 -14.17 14.82
CA GLY B 323 7.72 -14.39 16.26
C GLY B 323 6.35 -14.12 16.87
N VAL B 324 5.70 -13.01 16.47
CA VAL B 324 4.36 -12.69 16.98
C VAL B 324 3.40 -13.84 16.75
N HIS B 325 3.38 -14.38 15.53
CA HIS B 325 2.43 -15.43 15.19
C HIS B 325 2.79 -16.74 15.87
N GLU B 326 4.08 -17.04 16.01
CA GLU B 326 4.47 -18.23 16.78
C GLU B 326 4.07 -18.07 18.24
N GLY B 327 4.20 -16.85 18.76
CA GLY B 327 3.79 -16.57 20.14
C GLY B 327 2.33 -16.89 20.37
N HIS B 328 1.46 -16.46 19.45
CA HIS B 328 0.03 -16.74 19.58
C HIS B 328 -0.23 -18.26 19.58
N VAL B 329 0.40 -18.99 18.65
CA VAL B 329 0.13 -20.42 18.55
C VAL B 329 0.61 -21.14 19.81
N ALA B 330 1.83 -20.84 20.28
CA ALA B 330 2.32 -21.49 21.49
C ALA B 330 1.34 -21.28 22.65
N ALA B 331 0.87 -20.05 22.83
CA ALA B 331 -0.10 -19.78 23.89
C ALA B 331 -1.37 -20.59 23.71
N GLU B 332 -1.88 -20.66 22.48
CA GLU B 332 -3.12 -21.38 22.20
C GLU B 332 -2.96 -22.87 22.45
N VAL B 333 -1.78 -23.44 22.13
CA VAL B 333 -1.53 -24.85 22.40
C VAL B 333 -1.45 -25.10 23.91
N ILE B 334 -0.76 -24.24 24.66
CA ILE B 334 -0.70 -24.41 26.11
C ILE B 334 -2.12 -24.38 26.70
N ALA B 335 -3.01 -23.56 26.12
CA ALA B 335 -4.39 -23.48 26.56
C ALA B 335 -5.26 -24.62 26.05
N GLY B 336 -4.71 -25.54 25.25
CA GLY B 336 -5.43 -26.73 24.85
C GLY B 336 -5.99 -26.74 23.43
N LYS B 337 -5.70 -25.71 22.64
CA LYS B 337 -6.19 -25.67 21.27
C LYS B 337 -5.30 -26.49 20.34
N LYS B 338 -5.92 -27.17 19.38
CA LYS B 338 -5.17 -27.99 18.42
C LYS B 338 -4.76 -27.09 17.25
N HIS B 339 -3.82 -26.20 17.56
CA HIS B 339 -3.34 -25.22 16.61
C HIS B 339 -1.92 -25.57 16.20
N TYR B 340 -1.54 -25.11 15.00
CA TYR B 340 -0.28 -25.44 14.37
C TYR B 340 0.33 -24.18 13.75
N PHE B 341 1.65 -24.10 13.71
CA PHE B 341 2.35 -23.04 13.01
C PHE B 341 2.97 -23.62 11.75
N ASP B 342 2.43 -23.24 10.61
CA ASP B 342 2.90 -23.71 9.32
C ASP B 342 2.44 -22.72 8.25
N PRO B 343 2.93 -21.48 8.26
CA PRO B 343 2.41 -20.50 7.31
C PRO B 343 2.86 -20.83 5.90
N LYS B 344 1.99 -20.53 4.94
CA LYS B 344 2.40 -20.64 3.55
C LYS B 344 3.42 -19.56 3.20
N VAL B 345 3.26 -18.35 3.77
CA VAL B 345 4.14 -17.23 3.44
C VAL B 345 4.61 -16.52 4.71
N ILE B 346 5.82 -15.96 4.63
CA ILE B 346 6.35 -15.04 5.62
C ILE B 346 7.01 -13.91 4.86
N PRO B 347 6.44 -12.71 4.86
CA PRO B 347 6.97 -11.63 4.03
C PRO B 347 8.29 -11.08 4.56
N SER B 348 9.05 -10.44 3.66
CA SER B 348 10.31 -9.79 4.00
C SER B 348 10.36 -8.44 3.31
N ILE B 349 10.69 -7.40 4.06
CA ILE B 349 10.80 -6.05 3.53
C ILE B 349 12.15 -5.45 3.91
N ALA B 350 12.83 -4.87 2.92
CA ALA B 350 13.94 -3.96 3.17
C ALA B 350 13.44 -2.55 2.90
N TYR B 351 13.43 -1.73 3.93
CA TYR B 351 12.91 -0.36 3.88
C TYR B 351 13.95 0.62 3.33
N THR B 352 14.75 0.17 2.38
CA THR B 352 15.75 0.99 1.71
C THR B 352 15.07 1.97 0.75
N GLU B 353 15.89 2.71 -0.01
CA GLU B 353 15.43 3.60 -1.08
C GLU B 353 16.05 3.14 -2.39
N PRO B 354 15.30 2.52 -3.29
CA PRO B 354 13.90 2.06 -3.15
C PRO B 354 13.79 0.87 -2.20
N GLU B 355 12.58 0.52 -1.74
CA GLU B 355 12.38 -0.65 -0.92
C GLU B 355 12.41 -1.89 -1.79
N VAL B 356 12.85 -3.00 -1.19
CA VAL B 356 12.83 -4.32 -1.80
C VAL B 356 11.98 -5.22 -0.92
N ALA B 357 10.94 -5.82 -1.50
CA ALA B 357 9.95 -6.54 -0.71
C ALA B 357 9.50 -7.78 -1.47
N TRP B 358 9.41 -8.92 -0.78
CA TRP B 358 9.02 -10.15 -1.46
C TRP B 358 8.35 -11.11 -0.47
N VAL B 359 7.54 -12.01 -1.03
CA VAL B 359 6.75 -12.94 -0.23
C VAL B 359 6.46 -14.17 -1.06
N GLY B 360 6.32 -15.31 -0.41
CA GLY B 360 6.14 -16.55 -1.14
C GLY B 360 7.45 -16.98 -1.76
N LEU B 361 7.34 -17.77 -2.82
CA LEU B 361 8.55 -18.27 -3.49
C LEU B 361 9.23 -17.20 -4.30
N THR B 362 10.56 -17.15 -4.19
CA THR B 362 11.34 -16.45 -5.21
C THR B 362 11.61 -17.39 -6.38
N GLU B 363 12.13 -16.82 -7.47
CA GLU B 363 12.54 -17.67 -8.57
C GLU B 363 13.64 -18.63 -8.12
N LYS B 364 14.54 -18.15 -7.25
CA LYS B 364 15.61 -19.00 -6.73
C LYS B 364 15.05 -20.22 -6.00
N GLU B 365 14.04 -20.02 -5.17
CA GLU B 365 13.46 -21.13 -4.43
C GLU B 365 12.66 -22.04 -5.34
N ALA B 366 11.93 -21.46 -6.31
CA ALA B 366 11.16 -22.29 -7.24
C ALA B 366 12.07 -23.23 -8.03
N LYS B 367 13.23 -22.73 -8.47
CA LYS B 367 14.18 -23.58 -9.18
C LYS B 367 14.69 -24.70 -8.28
N GLU B 368 14.95 -24.38 -7.01
CA GLU B 368 15.38 -25.41 -6.06
C GLU B 368 14.33 -26.51 -5.95
N LYS B 369 13.08 -26.11 -5.77
CA LYS B 369 11.96 -27.03 -5.62
C LYS B 369 11.54 -27.67 -6.93
N GLY B 370 12.12 -27.26 -8.06
CA GLY B 370 11.82 -27.87 -9.34
C GLY B 370 10.43 -27.55 -9.86
N ILE B 371 9.92 -26.37 -9.55
CA ILE B 371 8.55 -26.01 -9.88
C ILE B 371 8.53 -25.31 -11.25
N SER B 372 7.58 -25.69 -12.09
CA SER B 372 7.40 -25.04 -13.39
C SER B 372 6.63 -23.74 -13.18
N TYR B 373 7.28 -22.61 -13.38
CA TYR B 373 6.67 -21.32 -13.07
C TYR B 373 6.80 -20.39 -14.25
N GLU B 374 6.01 -19.32 -14.21
CA GLU B 374 6.07 -18.20 -15.13
C GLU B 374 6.01 -16.92 -14.32
N THR B 375 6.87 -15.96 -14.65
CA THR B 375 6.81 -14.64 -14.03
C THR B 375 6.00 -13.66 -14.89
N ALA B 376 5.48 -12.64 -14.24
CA ALA B 376 4.80 -11.54 -14.93
C ALA B 376 5.16 -10.26 -14.22
N THR B 377 5.72 -9.29 -14.94
CA THR B 377 6.17 -8.07 -14.30
C THR B 377 5.46 -6.86 -14.89
N PHE B 378 5.19 -5.87 -14.03
CA PHE B 378 4.72 -4.58 -14.48
C PHE B 378 5.76 -3.53 -14.16
N PRO B 379 6.35 -2.84 -15.15
CA PRO B 379 7.34 -1.80 -14.86
C PRO B 379 6.65 -0.52 -14.43
N TRP B 380 7.22 0.15 -13.43
CA TRP B 380 6.62 1.40 -12.98
C TRP B 380 6.87 2.55 -13.93
N ALA B 381 7.77 2.38 -14.92
CA ALA B 381 7.90 3.40 -15.95
C ALA B 381 6.57 3.67 -16.63
N ALA B 382 5.68 2.68 -16.60
CA ALA B 382 4.35 2.76 -17.18
C ALA B 382 3.27 3.18 -16.19
N SER B 383 3.65 3.62 -14.99
CA SER B 383 2.68 3.94 -13.96
C SER B 383 2.62 5.45 -13.77
N GLY B 384 1.44 6.01 -14.04
CA GLY B 384 1.25 7.44 -13.81
C GLY B 384 1.54 7.86 -12.39
N ARG B 385 1.14 7.03 -11.41
CA ARG B 385 1.40 7.36 -10.01
C ARG B 385 2.90 7.40 -9.73
N ALA B 386 3.64 6.42 -10.26
CA ALA B 386 5.08 6.37 -10.03
C ALA B 386 5.78 7.53 -10.72
N ILE B 387 5.37 7.82 -11.96
CA ILE B 387 5.94 8.98 -12.65
C ILE B 387 5.67 10.24 -11.87
N ALA B 388 4.39 10.50 -11.58
CA ALA B 388 3.97 11.71 -10.89
C ALA B 388 4.48 11.80 -9.45
N SER B 389 4.92 10.67 -8.88
CA SER B 389 5.59 10.67 -7.58
C SER B 389 7.10 10.49 -7.70
N ASP B 390 7.65 10.61 -8.92
CA ASP B 390 9.09 10.65 -9.17
C ASP B 390 9.81 9.35 -8.83
N CYS B 391 9.13 8.20 -8.94
CA CYS B 391 9.74 6.91 -8.61
C CYS B 391 9.52 5.87 -9.71
N ALA B 392 9.76 6.26 -10.97
CA ALA B 392 9.38 5.47 -12.14
C ALA B 392 10.30 4.29 -12.44
N ASP B 393 11.33 4.04 -11.64
CA ASP B 393 12.17 2.88 -11.92
C ASP B 393 11.70 1.62 -11.20
N GLY B 394 10.61 1.69 -10.43
CA GLY B 394 10.11 0.53 -9.72
C GLY B 394 9.65 -0.59 -10.63
N MET B 395 9.34 -1.73 -10.02
CA MET B 395 8.82 -2.89 -10.72
C MET B 395 8.06 -3.78 -9.75
N THR B 396 6.97 -4.37 -10.23
CA THR B 396 6.17 -5.32 -9.47
C THR B 396 6.19 -6.65 -10.18
N LYS B 397 6.43 -7.72 -9.44
CA LYS B 397 6.62 -9.03 -10.04
C LYS B 397 5.74 -10.05 -9.34
N LEU B 398 4.97 -10.82 -10.10
CA LEU B 398 4.24 -11.97 -9.59
C LEU B 398 4.82 -13.24 -10.18
N ILE B 399 4.77 -14.32 -9.41
CA ILE B 399 5.24 -15.62 -9.88
C ILE B 399 4.08 -16.59 -9.79
N PHE B 400 3.80 -17.27 -10.91
CA PHE B 400 2.67 -18.18 -11.01
C PHE B 400 3.13 -19.59 -11.31
N ASP B 401 2.41 -20.56 -10.74
CA ASP B 401 2.56 -21.94 -11.16
C ASP B 401 2.07 -22.07 -12.60
N LYS B 402 2.93 -22.61 -13.47
CA LYS B 402 2.63 -22.60 -14.90
C LYS B 402 1.39 -23.44 -15.21
N GLU B 403 1.21 -24.55 -14.48
CA GLU B 403 0.10 -25.47 -14.72
C GLU B 403 -1.21 -24.98 -14.11
N SER B 404 -1.21 -24.71 -12.79
CA SER B 404 -2.44 -24.38 -12.08
C SER B 404 -2.84 -22.92 -12.18
N HIS B 405 -1.91 -22.04 -12.54
CA HIS B 405 -2.07 -20.59 -12.63
C HIS B 405 -2.31 -19.93 -11.27
N ARG B 406 -2.07 -20.62 -10.15
CA ARG B 406 -2.16 -19.95 -8.85
C ARG B 406 -0.91 -19.10 -8.62
N VAL B 407 -1.09 -18.01 -7.89
CA VAL B 407 0.06 -17.17 -7.52
C VAL B 407 0.85 -17.87 -6.42
N ILE B 408 2.17 -18.00 -6.60
CA ILE B 408 3.01 -18.66 -5.59
C ILE B 408 4.09 -17.76 -5.02
N GLY B 409 4.27 -16.56 -5.56
CA GLY B 409 5.31 -15.67 -5.10
C GLY B 409 5.13 -14.28 -5.68
N GLY B 410 5.66 -13.27 -4.99
CA GLY B 410 5.60 -11.92 -5.51
C GLY B 410 6.76 -11.12 -4.96
N ALA B 411 7.06 -10.01 -5.64
CA ALA B 411 8.15 -9.15 -5.19
C ALA B 411 7.93 -7.75 -5.75
N ILE B 412 8.39 -6.75 -4.99
CA ILE B 412 8.32 -5.37 -5.43
C ILE B 412 9.68 -4.72 -5.20
N VAL B 413 10.11 -3.88 -6.13
CA VAL B 413 11.19 -2.93 -5.86
C VAL B 413 10.69 -1.54 -6.24
N GLY B 414 10.72 -0.61 -5.31
CA GLY B 414 10.21 0.72 -5.56
C GLY B 414 9.95 1.46 -4.28
N THR B 415 9.79 2.78 -4.41
CA THR B 415 9.39 3.59 -3.27
C THR B 415 8.04 3.11 -2.76
N ASN B 416 7.92 3.01 -1.44
CA ASN B 416 6.72 2.49 -0.77
C ASN B 416 6.37 1.09 -1.22
N GLY B 417 7.34 0.37 -1.79
CA GLY B 417 7.07 -0.94 -2.36
C GLY B 417 6.57 -1.94 -1.33
N GLY B 418 7.03 -1.79 -0.08
CA GLY B 418 6.68 -2.76 0.95
C GLY B 418 5.19 -2.83 1.27
N GLU B 419 4.45 -1.74 1.08
CA GLU B 419 3.05 -1.79 1.51
C GLU B 419 2.19 -2.63 0.58
N LEU B 420 2.68 -2.96 -0.61
CA LEU B 420 1.96 -3.79 -1.56
C LEU B 420 1.99 -5.27 -1.20
N LEU B 421 2.88 -5.68 -0.28
CA LEU B 421 3.01 -7.10 0.02
C LEU B 421 1.74 -7.68 0.64
N GLY B 422 0.97 -6.85 1.35
CA GLY B 422 -0.20 -7.38 2.05
C GLY B 422 -1.16 -8.08 1.11
N GLU B 423 -1.46 -7.44 -0.02
CA GLU B 423 -2.34 -8.05 -1.01
C GLU B 423 -1.72 -9.33 -1.58
N ILE B 424 -0.41 -9.31 -1.86
CA ILE B 424 0.20 -10.47 -2.51
C ILE B 424 0.27 -11.64 -1.53
N GLY B 425 0.67 -11.38 -0.29
CA GLY B 425 0.72 -12.43 0.71
C GLY B 425 -0.64 -13.10 0.94
N LEU B 426 -1.70 -12.29 1.05
CA LEU B 426 -3.04 -12.87 1.18
C LEU B 426 -3.42 -13.67 -0.07
N ALA B 427 -3.11 -13.14 -1.26
CA ALA B 427 -3.41 -13.84 -2.50
C ALA B 427 -2.77 -15.23 -2.54
N ILE B 428 -1.50 -15.35 -2.10
CA ILE B 428 -0.85 -16.66 -2.03
C ILE B 428 -1.51 -17.53 -0.97
N GLU B 429 -1.81 -16.98 0.22
CA GLU B 429 -2.47 -17.78 1.26
C GLU B 429 -3.82 -18.31 0.78
N MET B 430 -4.60 -17.48 0.09
CA MET B 430 -5.90 -17.89 -0.41
C MET B 430 -5.83 -18.68 -1.70
N GLY B 431 -4.63 -18.96 -2.22
CA GLY B 431 -4.51 -19.71 -3.47
C GLY B 431 -5.22 -19.05 -4.63
N CYS B 432 -5.01 -17.76 -4.85
CA CYS B 432 -5.64 -17.04 -5.94
C CYS B 432 -5.14 -17.50 -7.30
N ASP B 433 -6.07 -17.72 -8.22
CA ASP B 433 -5.74 -17.77 -9.65
C ASP B 433 -5.34 -16.39 -10.14
N ALA B 434 -4.43 -16.35 -11.12
CA ALA B 434 -4.08 -15.08 -11.75
C ALA B 434 -5.33 -14.32 -12.20
N GLU B 435 -6.36 -15.04 -12.66
CA GLU B 435 -7.59 -14.37 -13.08
C GLU B 435 -8.31 -13.74 -11.89
N ASP B 436 -8.23 -14.37 -10.71
CA ASP B 436 -8.84 -13.79 -9.52
C ASP B 436 -8.23 -12.42 -9.21
N ILE B 437 -6.91 -12.30 -9.35
CA ILE B 437 -6.25 -11.04 -9.09
C ILE B 437 -6.57 -10.04 -10.21
N ALA B 438 -6.46 -10.51 -11.46
CA ALA B 438 -6.67 -9.65 -12.62
C ALA B 438 -8.06 -9.03 -12.63
N LEU B 439 -9.09 -9.82 -12.33
CA LEU B 439 -10.46 -9.30 -12.37
C LEU B 439 -10.82 -8.45 -11.16
N THR B 440 -10.04 -8.52 -10.07
CA THR B 440 -10.27 -7.61 -8.96
C THR B 440 -9.98 -6.19 -9.39
N ILE B 441 -10.85 -5.25 -9.04
CA ILE B 441 -10.70 -3.87 -9.50
C ILE B 441 -9.80 -3.11 -8.52
N HIS B 442 -8.61 -2.74 -8.97
CA HIS B 442 -7.66 -1.98 -8.17
C HIS B 442 -7.81 -0.51 -8.51
N ALA B 443 -7.87 0.34 -7.49
CA ALA B 443 -8.01 1.78 -7.69
C ALA B 443 -6.88 2.35 -8.53
N HIS B 444 -7.23 3.32 -9.40
CA HIS B 444 -6.32 4.04 -10.27
C HIS B 444 -6.37 5.54 -9.99
N PRO B 445 -5.23 6.24 -9.97
CA PRO B 445 -3.85 5.75 -10.10
C PRO B 445 -3.23 5.40 -8.73
N THR B 446 -2.70 4.19 -8.57
CA THR B 446 -1.98 3.82 -7.35
C THR B 446 -0.77 2.97 -7.73
N LEU B 447 0.18 2.87 -6.79
CA LEU B 447 1.24 1.88 -6.96
C LEU B 447 0.70 0.46 -6.87
N HIS B 448 -0.27 0.22 -6.00
CA HIS B 448 -0.64 -1.18 -5.80
C HIS B 448 -1.49 -1.74 -6.93
N GLU B 449 -2.03 -0.92 -7.83
CA GLU B 449 -2.72 -1.51 -8.96
C GLU B 449 -1.75 -2.23 -9.91
N SER B 450 -0.44 -2.01 -9.75
CA SER B 450 0.55 -2.81 -10.45
C SER B 450 0.40 -4.30 -10.16
N VAL B 451 -0.14 -4.67 -8.99
CA VAL B 451 -0.37 -6.08 -8.71
C VAL B 451 -1.43 -6.65 -9.67
N GLY B 452 -2.56 -5.96 -9.79
CA GLY B 452 -3.55 -6.38 -10.76
C GLY B 452 -3.01 -6.36 -12.17
N LEU B 453 -2.23 -5.34 -12.51
CA LEU B 453 -1.76 -5.22 -13.89
C LEU B 453 -0.75 -6.31 -14.21
N ALA B 454 0.06 -6.70 -13.23
CA ALA B 454 0.97 -7.83 -13.44
C ALA B 454 0.21 -9.12 -13.71
N ALA B 455 -0.93 -9.31 -13.02
CA ALA B 455 -1.78 -10.48 -13.30
C ALA B 455 -2.33 -10.42 -14.72
N GLU B 456 -2.69 -9.22 -15.20
CA GLU B 456 -3.18 -9.05 -16.57
C GLU B 456 -2.10 -9.33 -17.61
N VAL B 457 -0.85 -9.02 -17.29
CA VAL B 457 0.25 -9.45 -18.14
C VAL B 457 0.20 -10.96 -18.31
N PHE B 458 0.12 -11.68 -17.19
CA PHE B 458 0.08 -13.15 -17.26
C PHE B 458 -1.13 -13.61 -18.05
N GLU B 459 -2.29 -13.01 -17.79
CA GLU B 459 -3.53 -13.40 -18.46
C GLU B 459 -3.54 -13.04 -19.94
N GLY B 460 -2.67 -12.14 -20.38
CA GLY B 460 -2.67 -11.71 -21.76
C GLY B 460 -3.70 -10.66 -22.09
N SER B 461 -4.21 -9.94 -21.09
CA SER B 461 -5.30 -9.00 -21.26
C SER B 461 -4.87 -7.53 -21.06
N ILE B 462 -3.60 -7.30 -20.70
CA ILE B 462 -3.14 -5.96 -20.33
C ILE B 462 -3.27 -4.98 -21.50
N THR B 463 -3.68 -3.74 -21.20
CA THR B 463 -3.70 -2.65 -22.17
C THR B 463 -2.85 -1.45 -21.78
N ASP B 464 -2.43 -1.33 -20.52
CA ASP B 464 -1.54 -0.24 -20.13
C ASP B 464 -0.09 -0.50 -20.54
N LEU B 465 0.17 -1.62 -21.17
CA LEU B 465 1.47 -1.99 -21.73
C LEU B 465 1.24 -2.65 -23.08
N PRO B 466 2.23 -2.61 -23.97
CA PRO B 466 2.22 -3.54 -25.11
C PRO B 466 1.93 -4.95 -24.60
N ASN B 467 1.15 -5.70 -25.37
CA ASN B 467 0.69 -7.02 -24.98
C ASN B 467 1.27 -8.04 -25.95
N PRO B 468 2.45 -8.62 -25.65
CA PRO B 468 3.00 -9.68 -26.50
C PRO B 468 2.16 -10.95 -26.55
N LYS B 469 1.20 -11.11 -25.64
CA LYS B 469 0.25 -12.21 -25.67
C LYS B 469 -0.99 -11.91 -26.51
N ALA B 470 -0.99 -10.82 -27.26
CA ALA B 470 -2.12 -10.44 -28.11
C ALA B 470 -2.16 -11.31 -29.37
N LYS B 471 -3.27 -11.20 -30.10
CA LYS B 471 -3.39 -11.92 -31.36
C LYS B 471 -2.42 -11.33 -32.39
N LYS B 472 -2.21 -12.09 -33.47
CA LYS B 472 -1.22 -11.71 -34.48
C LYS B 472 -1.83 -10.86 -35.59
N SER C 1 -14.55 15.36 -47.82
CA SER C 1 -15.21 14.30 -47.07
C SER C 1 -14.44 12.98 -47.18
N THR C 2 -13.77 12.59 -46.09
CA THR C 2 -13.17 11.27 -46.01
C THR C 2 -14.21 10.27 -45.50
N GLU C 3 -14.12 9.04 -45.99
CA GLU C 3 -15.00 7.96 -45.57
C GLU C 3 -14.16 6.76 -45.15
N ILE C 4 -14.54 6.15 -44.03
CA ILE C 4 -13.79 5.07 -43.40
C ILE C 4 -14.76 3.95 -43.04
N LYS C 5 -14.29 2.71 -43.14
CA LYS C 5 -15.02 1.54 -42.67
C LYS C 5 -14.19 0.86 -41.59
N THR C 6 -14.82 0.53 -40.46
CA THR C 6 -14.10 -0.16 -39.37
C THR C 6 -15.00 -1.22 -38.76
N GLN C 7 -14.37 -2.20 -38.09
CA GLN C 7 -15.13 -3.13 -37.27
C GLN C 7 -15.64 -2.47 -35.99
N VAL C 8 -14.78 -1.73 -35.30
CA VAL C 8 -15.14 -1.07 -34.04
C VAL C 8 -14.68 0.38 -34.09
N VAL C 9 -15.59 1.30 -33.81
CA VAL C 9 -15.22 2.68 -33.53
C VAL C 9 -15.49 2.96 -32.06
N VAL C 10 -14.52 3.58 -31.39
CA VAL C 10 -14.64 3.93 -29.99
C VAL C 10 -14.74 5.45 -29.89
N LEU C 11 -15.82 5.95 -29.30
CA LEU C 11 -16.07 7.40 -29.19
C LEU C 11 -15.57 7.91 -27.84
N GLY C 12 -14.38 8.50 -27.84
CA GLY C 12 -13.76 9.04 -26.64
C GLY C 12 -12.52 8.24 -26.28
N ALA C 13 -11.47 8.93 -25.81
CA ALA C 13 -10.17 8.29 -25.59
C ALA C 13 -9.66 8.44 -24.15
N GLY C 14 -10.57 8.46 -23.17
CA GLY C 14 -10.16 8.42 -21.78
C GLY C 14 -9.87 7.00 -21.36
N PRO C 15 -9.66 6.78 -20.07
CA PRO C 15 -9.31 5.42 -19.60
C PRO C 15 -10.25 4.34 -20.09
N ALA C 16 -11.55 4.61 -20.11
CA ALA C 16 -12.50 3.62 -20.63
C ALA C 16 -12.26 3.39 -22.12
N GLY C 17 -12.38 4.45 -22.92
CA GLY C 17 -12.20 4.39 -24.36
C GLY C 17 -10.91 3.77 -24.86
N TYR C 18 -9.74 4.29 -24.49
CA TYR C 18 -8.54 3.71 -25.08
C TYR C 18 -8.28 2.29 -24.58
N SER C 19 -8.69 1.97 -23.34
CA SER C 19 -8.56 0.60 -22.88
C SER C 19 -9.42 -0.33 -23.73
N ALA C 20 -10.65 0.11 -24.05
CA ALA C 20 -11.52 -0.64 -24.94
C ALA C 20 -10.87 -0.82 -26.30
N ALA C 21 -10.38 0.27 -26.88
CA ALA C 21 -9.81 0.21 -28.21
C ALA C 21 -8.59 -0.72 -28.25
N PHE C 22 -7.72 -0.60 -27.24
CA PHE C 22 -6.52 -1.41 -27.20
C PHE C 22 -6.86 -2.88 -26.98
N ARG C 23 -7.87 -3.16 -26.15
CA ARG C 23 -8.30 -4.54 -25.98
C ARG C 23 -8.87 -5.09 -27.29
N CYS C 24 -9.72 -4.29 -27.96
CA CYS C 24 -10.23 -4.68 -29.28
C CYS C 24 -9.08 -5.05 -30.22
N ALA C 25 -8.07 -4.18 -30.31
CA ALA C 25 -6.97 -4.43 -31.24
C ALA C 25 -6.25 -5.72 -30.88
N ASP C 26 -5.92 -5.92 -29.60
CA ASP C 26 -5.25 -7.14 -29.16
C ASP C 26 -6.06 -8.39 -29.49
N LEU C 27 -7.38 -8.28 -29.50
CA LEU C 27 -8.24 -9.40 -29.88
C LEU C 27 -8.46 -9.50 -31.38
N GLY C 28 -7.72 -8.73 -32.17
CA GLY C 28 -7.75 -8.86 -33.63
C GLY C 28 -8.81 -8.05 -34.34
N LEU C 29 -9.50 -7.15 -33.65
CA LEU C 29 -10.54 -6.35 -34.28
C LEU C 29 -9.94 -5.07 -34.86
N GLU C 30 -10.41 -4.70 -36.05
CA GLU C 30 -10.02 -3.43 -36.64
C GLU C 30 -10.73 -2.30 -35.92
N THR C 31 -9.97 -1.31 -35.45
CA THR C 31 -10.48 -0.38 -34.45
C THR C 31 -10.05 1.05 -34.77
N VAL C 32 -10.97 1.99 -34.58
CA VAL C 32 -10.68 3.41 -34.72
C VAL C 32 -11.11 4.13 -33.45
N ILE C 33 -10.31 5.11 -33.03
CA ILE C 33 -10.63 5.97 -31.91
C ILE C 33 -10.97 7.35 -32.44
N VAL C 34 -12.06 7.93 -31.95
CA VAL C 34 -12.42 9.32 -32.22
C VAL C 34 -12.26 10.10 -30.92
N GLU C 35 -11.54 11.22 -30.98
CA GLU C 35 -11.25 11.99 -29.79
C GLU C 35 -11.19 13.46 -30.18
N ARG C 36 -11.85 14.31 -29.40
CA ARG C 36 -11.93 15.71 -29.80
C ARG C 36 -10.71 16.52 -29.37
N TYR C 37 -10.00 16.10 -28.31
CA TYR C 37 -8.77 16.80 -27.97
C TYR C 37 -7.59 16.21 -28.75
N ASN C 38 -6.44 16.85 -28.64
CA ASN C 38 -5.30 16.47 -29.47
C ASN C 38 -4.44 15.38 -28.85
N THR C 39 -4.70 14.97 -27.62
CA THR C 39 -3.99 13.87 -26.99
C THR C 39 -4.99 12.80 -26.56
N LEU C 40 -4.49 11.58 -26.35
CA LEU C 40 -5.29 10.53 -25.74
C LEU C 40 -5.27 10.68 -24.21
N GLY C 41 -6.09 9.89 -23.53
CA GLY C 41 -6.10 9.82 -22.08
C GLY C 41 -7.26 10.52 -21.40
N GLY C 42 -8.04 11.31 -22.13
CA GLY C 42 -9.29 11.89 -21.61
C GLY C 42 -9.08 12.74 -20.37
N VAL C 43 -10.08 12.72 -19.48
CA VAL C 43 -10.07 13.58 -18.30
C VAL C 43 -8.98 13.14 -17.32
N CYS C 44 -8.90 11.82 -17.07
CA CYS C 44 -7.99 11.31 -16.04
C CYS C 44 -6.56 11.73 -16.29
N LEU C 45 -6.05 11.45 -17.49
CA LEU C 45 -4.66 11.80 -17.80
C LEU C 45 -4.47 13.31 -17.94
N ASN C 46 -5.33 13.98 -18.72
CA ASN C 46 -4.97 15.35 -19.10
C ASN C 46 -5.38 16.39 -18.07
N VAL C 47 -6.51 16.22 -17.39
CA VAL C 47 -7.05 17.29 -16.55
C VAL C 47 -7.70 16.70 -15.31
N GLY C 48 -7.16 15.59 -14.81
CA GLY C 48 -7.84 14.91 -13.73
C GLY C 48 -6.93 14.17 -12.76
N CYS C 49 -7.04 12.84 -12.78
CA CYS C 49 -6.41 12.00 -11.77
C CYS C 49 -4.89 12.19 -11.74
N ILE C 50 -4.25 12.23 -12.90
CA ILE C 50 -2.78 12.23 -12.97
C ILE C 50 -2.21 13.59 -12.57
N PRO C 51 -2.62 14.71 -13.18
CA PRO C 51 -2.10 16.01 -12.71
C PRO C 51 -2.41 16.32 -11.25
N SER C 52 -3.55 15.85 -10.73
CA SER C 52 -3.86 16.16 -9.34
C SER C 52 -3.03 15.32 -8.36
N LYS C 53 -2.77 14.05 -8.69
CA LYS C 53 -1.85 13.24 -7.88
C LYS C 53 -0.44 13.82 -7.89
N ALA C 54 0.00 14.34 -9.04
CA ALA C 54 1.33 14.96 -9.12
C ALA C 54 1.45 16.17 -8.21
N LEU C 55 0.41 17.01 -8.17
CA LEU C 55 0.47 18.19 -7.31
C LEU C 55 0.27 17.82 -5.85
N LEU C 56 -0.55 16.80 -5.58
CA LEU C 56 -0.71 16.34 -4.21
C LEU C 56 0.57 15.71 -3.68
N HIS C 57 1.42 15.15 -4.55
CA HIS C 57 2.69 14.60 -4.08
C HIS C 57 3.64 15.71 -3.65
N VAL C 58 3.74 16.78 -4.44
CA VAL C 58 4.47 17.97 -4.01
C VAL C 58 3.93 18.47 -2.67
N ALA C 59 2.60 18.61 -2.57
CA ALA C 59 1.98 19.09 -1.33
C ALA C 59 2.36 18.20 -0.15
N LYS C 60 2.35 16.87 -0.34
CA LYS C 60 2.68 15.96 0.75
C LYS C 60 4.12 16.13 1.22
N VAL C 61 5.06 16.28 0.29
CA VAL C 61 6.47 16.44 0.68
C VAL C 61 6.66 17.72 1.48
N ILE C 62 6.11 18.83 0.97
CA ILE C 62 6.20 20.11 1.67
C ILE C 62 5.73 19.97 3.11
N GLU C 63 4.63 19.25 3.32
CA GLU C 63 4.12 19.08 4.67
C GLU C 63 5.03 18.15 5.50
N GLU C 64 5.55 17.08 4.88
CA GLU C 64 6.48 16.21 5.60
C GLU C 64 7.76 16.95 5.96
N ALA C 65 8.24 17.81 5.08
CA ALA C 65 9.45 18.59 5.38
C ALA C 65 9.26 19.46 6.62
N LYS C 66 8.08 20.08 6.77
CA LYS C 66 7.87 20.94 7.93
C LYS C 66 7.66 20.11 9.20
N ALA C 67 6.98 18.96 9.10
CA ALA C 67 6.78 18.14 10.29
C ALA C 67 8.11 17.70 10.89
N LEU C 68 9.16 17.62 10.08
CA LEU C 68 10.47 17.18 10.57
C LEU C 68 11.12 18.21 11.48
N ALA C 69 10.68 19.47 11.45
CA ALA C 69 11.37 20.53 12.19
C ALA C 69 11.42 20.22 13.69
N GLU C 70 10.29 19.80 14.26
CA GLU C 70 10.26 19.38 15.66
C GLU C 70 11.20 18.20 15.93
N HIS C 71 11.55 17.42 14.93
CA HIS C 71 12.39 16.24 15.13
C HIS C 71 13.87 16.58 15.10
N GLY C 72 14.23 17.82 14.80
CA GLY C 72 15.62 18.20 14.68
C GLY C 72 16.18 18.27 13.28
N ILE C 73 15.35 18.25 12.25
CA ILE C 73 15.79 18.48 10.88
C ILE C 73 15.02 19.68 10.36
N VAL C 74 15.70 20.80 10.20
CA VAL C 74 15.06 22.10 9.98
C VAL C 74 15.36 22.54 8.56
N PHE C 75 14.37 22.42 7.67
CA PHE C 75 14.48 22.97 6.33
C PHE C 75 14.09 24.45 6.35
N GLY C 76 14.79 25.25 5.54
CA GLY C 76 14.36 26.61 5.32
C GLY C 76 13.06 26.68 4.54
N GLU C 77 12.37 27.81 4.67
CA GLU C 77 11.09 28.00 3.99
C GLU C 77 11.26 27.75 2.50
N PRO C 78 10.39 26.95 1.88
CA PRO C 78 10.59 26.59 0.46
C PRO C 78 10.32 27.79 -0.44
N LYS C 79 11.27 28.08 -1.32
CA LYS C 79 11.09 29.06 -2.37
C LYS C 79 10.34 28.40 -3.52
N THR C 80 9.15 28.92 -3.85
CA THR C 80 8.25 28.34 -4.84
C THR C 80 8.36 29.09 -6.16
N ASP C 81 8.30 28.34 -7.25
CA ASP C 81 8.26 28.87 -8.61
C ASP C 81 7.13 28.11 -9.31
N ILE C 82 5.92 28.66 -9.27
CA ILE C 82 4.76 27.93 -9.81
C ILE C 82 4.90 27.67 -11.32
N ASP C 83 5.77 28.41 -12.00
CA ASP C 83 5.99 28.16 -13.43
C ASP C 83 6.78 26.87 -13.63
N LYS C 84 7.76 26.60 -12.77
CA LYS C 84 8.52 25.36 -12.89
C LYS C 84 7.68 24.17 -12.44
N ILE C 85 6.88 24.34 -11.38
CA ILE C 85 5.95 23.30 -10.95
C ILE C 85 5.00 22.95 -12.09
N ARG C 86 4.41 23.96 -12.72
CA ARG C 86 3.53 23.73 -13.86
C ARG C 86 4.28 22.98 -14.96
N THR C 87 5.45 23.49 -15.34
CA THR C 87 6.24 22.86 -16.40
C THR C 87 6.60 21.42 -16.07
N TRP C 88 6.67 21.07 -14.78
CA TRP C 88 6.92 19.69 -14.42
C TRP C 88 5.63 18.86 -14.49
N LYS C 89 4.52 19.40 -13.97
CA LYS C 89 3.22 18.77 -14.18
C LYS C 89 3.00 18.49 -15.66
N GLU C 90 3.30 19.48 -16.51
CA GLU C 90 3.11 19.30 -17.95
C GLU C 90 4.05 18.23 -18.50
N LYS C 91 5.28 18.13 -17.97
CA LYS C 91 6.19 17.09 -18.43
C LYS C 91 5.66 15.70 -18.09
N VAL C 92 5.12 15.53 -16.89
CA VAL C 92 4.56 14.24 -16.48
C VAL C 92 3.46 13.82 -17.45
N ILE C 93 2.55 14.75 -17.75
CA ILE C 93 1.42 14.45 -18.62
C ILE C 93 1.90 14.09 -20.02
N ASN C 94 2.83 14.87 -20.58
CA ASN C 94 3.26 14.65 -21.94
C ASN C 94 3.98 13.31 -22.10
N GLN C 95 4.72 12.89 -21.07
CA GLN C 95 5.35 11.57 -21.11
C GLN C 95 4.29 10.48 -21.21
N LEU C 96 3.20 10.63 -20.48
CA LEU C 96 2.14 9.63 -20.51
C LEU C 96 1.32 9.70 -21.80
N THR C 97 1.04 10.92 -22.30
CA THR C 97 0.23 11.02 -23.52
C THR C 97 1.01 10.55 -24.74
N GLY C 98 2.31 10.88 -24.80
CA GLY C 98 3.14 10.33 -25.85
C GLY C 98 3.16 8.81 -25.82
N GLY C 99 3.26 8.23 -24.62
CA GLY C 99 3.25 6.78 -24.51
C GLY C 99 1.94 6.16 -24.97
N LEU C 100 0.82 6.88 -24.74
CA LEU C 100 -0.46 6.41 -25.24
C LEU C 100 -0.51 6.48 -26.76
N ALA C 101 -0.10 7.62 -27.34
CA ALA C 101 -0.03 7.73 -28.79
C ALA C 101 0.85 6.62 -29.38
N GLY C 102 1.95 6.31 -28.70
CA GLY C 102 2.83 5.25 -29.18
C GLY C 102 2.23 3.86 -29.12
N MET C 103 1.48 3.55 -28.07
CA MET C 103 0.84 2.23 -28.02
C MET C 103 -0.30 2.14 -29.03
N ALA C 104 -1.00 3.25 -29.29
CA ALA C 104 -2.02 3.24 -30.33
C ALA C 104 -1.40 2.94 -31.69
N LYS C 105 -0.23 3.51 -31.97
CA LYS C 105 0.46 3.23 -33.23
C LYS C 105 0.93 1.78 -33.28
N GLY C 106 1.49 1.27 -32.19
CA GLY C 106 1.98 -0.11 -32.17
C GLY C 106 0.87 -1.12 -32.38
N ARG C 107 -0.32 -0.81 -31.90
CA ARG C 107 -1.48 -1.67 -32.09
C ARG C 107 -2.24 -1.36 -33.37
N LYS C 108 -1.81 -0.36 -34.14
CA LYS C 108 -2.46 -0.01 -35.41
C LYS C 108 -3.91 0.42 -35.17
N VAL C 109 -4.14 1.14 -34.08
CA VAL C 109 -5.42 1.76 -33.80
C VAL C 109 -5.38 3.17 -34.37
N LYS C 110 -6.22 3.44 -35.36
CA LYS C 110 -6.27 4.78 -35.96
C LYS C 110 -6.93 5.78 -35.02
N VAL C 111 -6.38 6.97 -34.97
CA VAL C 111 -6.91 8.02 -34.12
C VAL C 111 -7.42 9.11 -35.05
N VAL C 112 -8.70 9.42 -34.94
CA VAL C 112 -9.32 10.51 -35.71
C VAL C 112 -9.67 11.61 -34.74
N ASN C 113 -9.15 12.81 -34.99
CA ASN C 113 -9.28 13.92 -34.06
C ASN C 113 -10.44 14.83 -34.49
N GLY C 114 -11.34 15.10 -33.57
CA GLY C 114 -12.52 15.89 -33.88
C GLY C 114 -13.72 15.41 -33.08
N LEU C 115 -14.81 16.14 -33.23
CA LEU C 115 -16.05 15.90 -32.50
C LEU C 115 -16.95 14.92 -33.26
N GLY C 116 -17.34 13.83 -32.60
CA GLY C 116 -18.11 12.76 -33.23
C GLY C 116 -19.58 12.80 -32.80
N LYS C 117 -20.47 12.52 -33.76
CA LYS C 117 -21.90 12.42 -33.50
C LYS C 117 -22.48 11.34 -34.41
N PHE C 118 -23.40 10.54 -33.85
CA PHE C 118 -24.03 9.49 -34.64
C PHE C 118 -24.95 10.09 -35.69
N THR C 119 -24.93 9.52 -36.89
CA THR C 119 -25.90 9.86 -37.93
C THR C 119 -26.79 8.70 -38.32
N GLY C 120 -26.39 7.45 -38.03
CA GLY C 120 -27.23 6.29 -38.25
C GLY C 120 -26.88 5.19 -37.25
N ALA C 121 -27.57 4.05 -37.39
CA ALA C 121 -27.25 2.89 -36.56
C ALA C 121 -25.84 2.34 -36.81
N ASN C 122 -25.24 2.64 -37.98
CA ASN C 122 -23.89 2.19 -38.29
C ASN C 122 -23.05 3.31 -38.88
N THR C 123 -23.35 4.56 -38.55
CA THR C 123 -22.64 5.67 -39.17
C THR C 123 -22.30 6.70 -38.11
N LEU C 124 -21.03 7.11 -38.09
CA LEU C 124 -20.54 8.15 -37.20
C LEU C 124 -19.84 9.21 -38.03
N GLU C 125 -20.20 10.47 -37.81
CA GLU C 125 -19.64 11.59 -38.54
C GLU C 125 -18.77 12.41 -37.60
N VAL C 126 -17.52 12.63 -37.98
CA VAL C 126 -16.57 13.38 -37.16
C VAL C 126 -16.31 14.72 -37.84
N GLU C 127 -16.33 15.79 -37.07
CA GLU C 127 -15.96 17.12 -37.55
C GLU C 127 -14.67 17.52 -36.86
N GLY C 128 -13.57 17.54 -37.61
CA GLY C 128 -12.30 17.84 -36.99
C GLY C 128 -11.33 18.63 -37.84
N GLU C 129 -10.04 18.43 -37.58
CA GLU C 129 -9.01 19.20 -38.27
C GLU C 129 -9.02 18.95 -39.77
N ASN C 130 -9.34 17.72 -40.18
CA ASN C 130 -9.27 17.29 -41.57
C ASN C 130 -10.63 17.33 -42.25
N GLY C 131 -11.51 18.24 -41.83
CA GLY C 131 -12.86 18.23 -42.32
C GLY C 131 -13.67 17.11 -41.71
N LYS C 132 -14.68 16.68 -42.43
CA LYS C 132 -15.57 15.63 -41.93
C LYS C 132 -15.07 14.27 -42.36
N THR C 133 -15.05 13.34 -41.41
CA THR C 133 -14.85 11.93 -41.69
C THR C 133 -16.15 11.22 -41.39
N VAL C 134 -16.60 10.38 -42.32
CA VAL C 134 -17.76 9.52 -42.16
C VAL C 134 -17.23 8.13 -41.83
N ILE C 135 -17.62 7.59 -40.67
CA ILE C 135 -17.12 6.30 -40.19
C ILE C 135 -18.26 5.29 -40.19
N ASN C 136 -18.13 4.26 -41.02
CA ASN C 136 -19.09 3.16 -41.10
C ASN C 136 -18.55 2.03 -40.21
N PHE C 137 -19.35 1.60 -39.25
CA PHE C 137 -18.87 0.68 -38.23
C PHE C 137 -19.79 -0.51 -38.08
N ASP C 138 -19.19 -1.67 -37.81
CA ASP C 138 -19.96 -2.84 -37.39
C ASP C 138 -20.43 -2.67 -35.95
N ASN C 139 -19.57 -2.10 -35.10
CA ASN C 139 -19.84 -1.93 -33.68
C ASN C 139 -19.34 -0.55 -33.23
N ALA C 140 -20.02 0.01 -32.23
CA ALA C 140 -19.61 1.26 -31.60
C ALA C 140 -19.50 1.08 -30.09
N ILE C 141 -18.51 1.75 -29.50
CA ILE C 141 -18.32 1.81 -28.05
C ILE C 141 -18.33 3.28 -27.67
N ILE C 142 -19.38 3.70 -26.99
CA ILE C 142 -19.50 5.08 -26.55
C ILE C 142 -18.79 5.21 -25.21
N ALA C 143 -17.82 6.11 -25.14
CA ALA C 143 -16.99 6.31 -23.96
C ALA C 143 -16.69 7.79 -23.80
N ALA C 144 -17.73 8.62 -23.94
CA ALA C 144 -17.55 10.07 -24.05
C ALA C 144 -17.56 10.77 -22.70
N GLY C 145 -17.61 10.03 -21.60
CA GLY C 145 -17.29 10.61 -20.30
C GLY C 145 -18.30 11.62 -19.77
N SER C 146 -17.79 12.56 -18.97
CA SER C 146 -18.62 13.51 -18.22
C SER C 146 -17.94 14.87 -18.25
N ARG C 147 -18.48 15.80 -17.46
CA ARG C 147 -18.09 17.20 -17.49
C ARG C 147 -18.48 17.86 -16.16
N PRO C 148 -17.77 18.93 -15.76
CA PRO C 148 -18.10 19.58 -14.49
C PRO C 148 -19.46 20.26 -14.51
N ILE C 149 -20.21 20.11 -13.41
CA ILE C 149 -21.44 20.85 -13.21
C ILE C 149 -21.14 22.33 -12.98
N GLN C 150 -21.93 23.21 -13.58
CA GLN C 150 -21.85 24.64 -13.35
C GLN C 150 -23.12 25.15 -12.67
N LEU C 151 -22.97 26.22 -11.89
CA LEU C 151 -24.23 26.77 -11.41
C LEU C 151 -24.58 28.05 -12.18
N PRO C 152 -25.88 28.27 -12.43
CA PRO C 152 -26.26 29.40 -13.29
C PRO C 152 -26.09 30.77 -12.67
N PHE C 153 -26.37 30.95 -11.38
CA PHE C 153 -26.17 32.28 -10.82
C PHE C 153 -24.70 32.67 -10.73
N ILE C 154 -23.80 31.76 -11.09
CA ILE C 154 -22.37 32.00 -11.01
C ILE C 154 -21.89 32.61 -12.33
N PRO C 155 -21.16 33.72 -12.30
CA PRO C 155 -20.50 34.20 -13.52
C PRO C 155 -19.33 33.31 -13.92
N HIS C 156 -19.62 32.09 -14.37
CA HIS C 156 -18.57 31.10 -14.68
C HIS C 156 -17.58 31.62 -15.71
N GLU C 157 -17.97 32.62 -16.49
CA GLU C 157 -17.11 33.19 -17.53
C GLU C 157 -15.94 33.96 -16.93
N ASP C 158 -16.12 34.53 -15.74
CA ASP C 158 -15.06 35.30 -15.10
C ASP C 158 -13.82 34.43 -14.90
N PRO C 159 -12.62 34.92 -15.23
CA PRO C 159 -11.41 34.08 -15.13
C PRO C 159 -11.02 33.73 -13.69
N ARG C 160 -11.79 34.16 -12.70
CA ARG C 160 -11.54 33.81 -11.29
C ARG C 160 -12.57 32.81 -10.76
N ILE C 161 -13.47 32.34 -11.60
CA ILE C 161 -14.40 31.27 -11.25
C ILE C 161 -13.91 30.00 -11.96
N TRP C 162 -13.38 29.07 -11.18
CA TRP C 162 -12.66 27.91 -11.68
C TRP C 162 -13.53 26.66 -11.67
N ASP C 163 -13.29 25.78 -12.64
CA ASP C 163 -13.64 24.37 -12.51
C ASP C 163 -12.37 23.60 -12.14
N SER C 164 -12.44 22.26 -12.16
CA SER C 164 -11.25 21.49 -11.79
C SER C 164 -10.12 21.70 -12.79
N THR C 165 -10.44 21.84 -14.08
CA THR C 165 -9.43 22.07 -15.09
C THR C 165 -8.70 23.38 -14.86
N ASP C 166 -9.42 24.45 -14.49
CA ASP C 166 -8.76 25.71 -14.19
C ASP C 166 -7.78 25.56 -13.03
N ALA C 167 -8.24 24.91 -11.95
CA ALA C 167 -7.39 24.73 -10.78
C ALA C 167 -6.11 23.97 -11.12
N LEU C 168 -6.21 22.97 -12.01
CA LEU C 168 -5.04 22.20 -12.40
C LEU C 168 -4.14 22.92 -13.40
N GLU C 169 -4.58 24.06 -13.97
CA GLU C 169 -3.68 24.85 -14.79
C GLU C 169 -2.64 25.60 -13.96
N LEU C 170 -2.90 25.80 -12.67
CA LEU C 170 -1.94 26.40 -11.73
C LEU C 170 -1.47 27.78 -12.22
N LYS C 171 -2.41 28.60 -12.68
CA LYS C 171 -2.01 29.89 -13.23
C LYS C 171 -1.61 30.88 -12.14
N GLU C 172 -2.18 30.77 -10.94
CA GLU C 172 -1.79 31.63 -9.83
C GLU C 172 -2.17 30.96 -8.52
N VAL C 173 -1.54 31.42 -7.45
CA VAL C 173 -1.87 30.99 -6.09
C VAL C 173 -2.71 32.07 -5.42
N PRO C 174 -4.04 31.97 -5.43
CA PRO C 174 -4.85 33.04 -4.85
C PRO C 174 -4.66 33.15 -3.35
N GLU C 175 -4.68 34.39 -2.85
CA GLU C 175 -4.50 34.61 -1.42
C GLU C 175 -5.64 33.97 -0.63
N ARG C 176 -6.88 34.14 -1.08
CA ARG C 176 -8.03 33.54 -0.45
C ARG C 176 -8.85 32.84 -1.52
N LEU C 177 -9.04 31.52 -1.37
CA LEU C 177 -9.74 30.71 -2.35
C LEU C 177 -10.87 29.97 -1.66
N LEU C 178 -12.06 29.99 -2.26
CA LEU C 178 -13.20 29.24 -1.76
C LEU C 178 -13.40 27.98 -2.58
N VAL C 179 -13.67 26.87 -1.89
CA VAL C 179 -14.04 25.62 -2.51
C VAL C 179 -15.53 25.43 -2.26
N MET C 180 -16.31 25.30 -3.34
CA MET C 180 -17.73 24.99 -3.25
C MET C 180 -17.90 23.48 -3.38
N GLY C 181 -18.28 22.81 -2.29
CA GLY C 181 -18.50 21.38 -2.33
C GLY C 181 -17.43 20.59 -1.62
N GLY C 182 -17.85 19.74 -0.69
CA GLY C 182 -16.93 18.90 0.06
C GLY C 182 -16.71 17.54 -0.57
N GLY C 183 -16.76 17.51 -1.90
CA GLY C 183 -16.41 16.30 -2.63
C GLY C 183 -14.89 16.10 -2.69
N ILE C 184 -14.50 14.93 -3.19
CA ILE C 184 -13.08 14.57 -3.19
C ILE C 184 -12.29 15.53 -4.07
N ILE C 185 -12.82 15.88 -5.25
CA ILE C 185 -12.07 16.73 -6.18
C ILE C 185 -11.81 18.10 -5.56
N GLY C 186 -12.81 18.66 -4.87
CA GLY C 186 -12.63 19.98 -4.27
C GLY C 186 -11.62 19.96 -3.12
N LEU C 187 -11.73 18.96 -2.25
CA LEU C 187 -10.80 18.85 -1.12
C LEU C 187 -9.37 18.62 -1.59
N GLU C 188 -9.19 17.86 -2.68
CA GLU C 188 -7.83 17.64 -3.20
C GLU C 188 -7.23 18.95 -3.68
N MET C 189 -8.00 19.75 -4.43
CA MET C 189 -7.47 21.02 -4.91
C MET C 189 -7.23 22.00 -3.77
N GLY C 190 -8.07 21.98 -2.75
CA GLY C 190 -7.78 22.78 -1.56
C GLY C 190 -6.52 22.33 -0.85
N THR C 191 -6.29 21.00 -0.82
CA THR C 191 -5.04 20.48 -0.26
C THR C 191 -3.83 21.02 -1.03
N VAL C 192 -3.94 21.07 -2.36
CA VAL C 192 -2.81 21.56 -3.17
C VAL C 192 -2.55 23.03 -2.91
N TYR C 193 -3.59 23.85 -2.97
CA TYR C 193 -3.34 25.29 -2.94
C TYR C 193 -2.96 25.76 -1.54
N HIS C 194 -3.39 25.04 -0.51
CA HIS C 194 -2.94 25.37 0.84
C HIS C 194 -1.43 25.19 0.97
N ALA C 195 -0.91 24.04 0.53
CA ALA C 195 0.52 23.80 0.56
C ALA C 195 1.31 24.91 -0.14
N LEU C 196 0.68 25.58 -1.11
CA LEU C 196 1.35 26.62 -1.88
C LEU C 196 1.17 28.02 -1.31
N GLY C 197 0.30 28.19 -0.31
CA GLY C 197 0.18 29.48 0.35
C GLY C 197 -1.23 30.01 0.50
N SER C 198 -2.19 29.42 -0.21
CA SER C 198 -3.57 29.92 -0.19
C SER C 198 -4.24 29.66 1.16
N GLN C 199 -4.99 30.65 1.64
CA GLN C 199 -6.01 30.40 2.66
C GLN C 199 -7.21 29.74 2.00
N ILE C 200 -7.67 28.62 2.56
CA ILE C 200 -8.69 27.80 1.91
C ILE C 200 -9.96 27.85 2.74
N ASP C 201 -11.08 28.20 2.09
CA ASP C 201 -12.42 28.07 2.64
C ASP C 201 -13.18 27.00 1.86
N VAL C 202 -14.01 26.25 2.56
CA VAL C 202 -14.77 25.15 1.98
C VAL C 202 -16.21 25.23 2.46
N VAL C 203 -17.16 25.28 1.54
CA VAL C 203 -18.58 25.33 1.86
C VAL C 203 -19.25 24.05 1.36
N GLU C 204 -19.91 23.34 2.27
CA GLU C 204 -20.49 22.04 2.02
C GLU C 204 -21.90 22.00 2.58
N MET C 205 -22.86 21.55 1.79
CA MET C 205 -24.26 21.65 2.19
C MET C 205 -24.69 20.56 3.17
N PHE C 206 -23.96 19.45 3.25
CA PHE C 206 -24.34 18.36 4.13
C PHE C 206 -23.54 18.42 5.44
N ASP C 207 -23.85 17.50 6.35
CA ASP C 207 -23.25 17.49 7.68
C ASP C 207 -21.84 16.89 7.70
N GLN C 208 -21.30 16.45 6.56
CA GLN C 208 -19.94 15.93 6.52
C GLN C 208 -19.38 16.03 5.11
N VAL C 209 -18.08 16.30 5.00
CA VAL C 209 -17.41 16.15 3.72
C VAL C 209 -17.43 14.67 3.32
N ILE C 210 -17.18 14.42 2.04
CA ILE C 210 -17.14 13.06 1.47
C ILE C 210 -18.34 12.25 1.97
N PRO C 211 -19.56 12.61 1.57
CA PRO C 211 -20.75 12.07 2.27
C PRO C 211 -20.89 10.57 2.17
N ALA C 212 -20.43 9.94 1.08
CA ALA C 212 -20.52 8.49 0.96
C ALA C 212 -19.70 7.75 2.03
N ALA C 213 -18.58 8.32 2.47
CA ALA C 213 -17.69 7.62 3.39
C ALA C 213 -18.23 7.64 4.82
N ASP C 214 -17.90 6.60 5.59
CA ASP C 214 -18.47 6.40 6.92
C ASP C 214 -18.10 7.55 7.86
N LYS C 215 -18.92 7.70 8.91
CA LYS C 215 -18.76 8.84 9.83
C LYS C 215 -17.50 8.72 10.67
N ASP C 216 -17.21 7.52 11.20
CA ASP C 216 -16.03 7.39 12.05
C ASP C 216 -14.74 7.62 11.25
N ILE C 217 -14.77 7.26 9.96
CA ILE C 217 -13.61 7.49 9.10
C ILE C 217 -13.46 8.97 8.82
N VAL C 218 -14.56 9.65 8.51
CA VAL C 218 -14.50 11.05 8.13
C VAL C 218 -14.30 11.96 9.35
N LYS C 219 -14.73 11.51 10.54
CA LYS C 219 -14.45 12.27 11.76
C LYS C 219 -12.95 12.51 11.92
N VAL C 220 -12.13 11.47 11.70
CA VAL C 220 -10.69 11.62 11.80
C VAL C 220 -10.17 12.61 10.76
N PHE C 221 -10.60 12.45 9.51
CA PHE C 221 -10.15 13.35 8.45
C PHE C 221 -10.58 14.78 8.74
N THR C 222 -11.82 14.98 9.19
CA THR C 222 -12.32 16.32 9.46
C THR C 222 -11.53 17.00 10.57
N LYS C 223 -11.23 16.26 11.64
CA LYS C 223 -10.43 16.82 12.73
C LYS C 223 -9.12 17.40 12.21
N ARG C 224 -8.51 16.73 11.22
CA ARG C 224 -7.23 17.19 10.68
C ARG C 224 -7.42 18.45 9.84
N ILE C 225 -8.24 18.37 8.78
CA ILE C 225 -8.38 19.49 7.86
C ILE C 225 -9.12 20.68 8.47
N SER C 226 -9.75 20.51 9.64
CA SER C 226 -10.39 21.63 10.28
C SER C 226 -9.39 22.64 10.82
N LYS C 227 -8.11 22.28 10.91
CA LYS C 227 -7.06 23.23 11.23
C LYS C 227 -6.46 23.88 9.99
N LYS C 228 -6.44 23.19 8.86
CA LYS C 228 -5.85 23.79 7.67
C LYS C 228 -6.86 24.66 6.91
N PHE C 229 -8.14 24.27 6.93
CA PHE C 229 -9.18 24.97 6.18
C PHE C 229 -10.21 25.53 7.16
N ASN C 230 -10.98 26.50 6.68
CA ASN C 230 -12.20 26.93 7.35
C ASN C 230 -13.39 26.24 6.67
N LEU C 231 -13.97 25.26 7.35
CA LEU C 231 -14.93 24.35 6.76
C LEU C 231 -16.34 24.75 7.21
N MET C 232 -17.21 25.00 6.25
CA MET C 232 -18.58 25.41 6.53
C MET C 232 -19.52 24.28 6.10
N LEU C 233 -19.92 23.48 7.08
CA LEU C 233 -20.89 22.41 6.88
C LEU C 233 -22.31 22.94 7.05
N GLU C 234 -23.26 22.29 6.36
CA GLU C 234 -24.66 22.71 6.35
C GLU C 234 -24.78 24.18 5.98
N THR C 235 -24.11 24.54 4.88
CA THR C 235 -24.03 25.90 4.40
C THR C 235 -24.14 25.87 2.88
N LYS C 236 -24.82 26.86 2.31
CA LYS C 236 -25.04 26.93 0.88
C LYS C 236 -24.70 28.32 0.37
N VAL C 237 -24.10 28.38 -0.83
CA VAL C 237 -23.92 29.63 -1.53
C VAL C 237 -25.27 30.10 -2.08
N THR C 238 -25.67 31.31 -1.72
CA THR C 238 -26.96 31.83 -2.14
C THR C 238 -26.87 32.89 -3.22
N ALA C 239 -25.68 33.43 -3.50
CA ALA C 239 -25.46 34.39 -4.58
C ALA C 239 -23.96 34.65 -4.71
N VAL C 240 -23.52 34.93 -5.94
CA VAL C 240 -22.13 35.23 -6.25
C VAL C 240 -22.09 36.44 -7.17
N GLU C 241 -21.17 37.37 -6.89
CA GLU C 241 -21.03 38.60 -7.67
C GLU C 241 -19.56 38.90 -7.89
N ALA C 242 -19.19 39.21 -9.13
CA ALA C 242 -17.80 39.52 -9.48
C ALA C 242 -17.57 41.02 -9.46
N LYS C 243 -16.67 41.47 -8.59
CA LYS C 243 -16.24 42.86 -8.53
C LYS C 243 -14.78 42.96 -8.96
N GLU C 244 -14.26 44.19 -9.01
CA GLU C 244 -12.89 44.38 -9.47
C GLU C 244 -11.85 44.02 -8.43
N ASP C 245 -12.23 43.96 -7.16
CA ASP C 245 -11.30 43.62 -6.09
C ASP C 245 -11.40 42.16 -5.66
N GLY C 246 -12.23 41.37 -6.32
CA GLY C 246 -12.42 39.99 -5.92
C GLY C 246 -13.86 39.54 -6.05
N ILE C 247 -14.08 38.24 -5.93
CA ILE C 247 -15.42 37.66 -6.10
C ILE C 247 -16.11 37.63 -4.75
N TYR C 248 -17.38 38.02 -4.73
CA TYR C 248 -18.12 38.15 -3.49
C TYR C 248 -19.17 37.04 -3.41
N VAL C 249 -19.05 36.19 -2.40
CA VAL C 249 -19.93 35.05 -2.21
C VAL C 249 -20.71 35.28 -0.94
N THR C 250 -22.03 35.32 -1.05
CA THR C 250 -22.90 35.43 0.11
C THR C 250 -23.48 34.06 0.39
N MET C 251 -23.39 33.63 1.65
CA MET C 251 -23.79 32.30 2.04
C MET C 251 -24.93 32.36 3.05
N GLU C 252 -25.79 31.36 3.00
CA GLU C 252 -26.85 31.15 3.98
C GLU C 252 -26.69 29.77 4.58
N GLY C 253 -26.64 29.72 5.90
CA GLY C 253 -26.45 28.45 6.59
C GLY C 253 -25.77 28.65 7.93
N LYS C 254 -25.66 27.54 8.67
CA LYS C 254 -25.11 27.53 10.02
C LYS C 254 -23.84 28.38 10.15
N LYS C 255 -22.78 27.97 9.44
CA LYS C 255 -21.48 28.63 9.46
C LYS C 255 -21.42 29.79 8.49
N ALA C 256 -22.46 30.00 7.68
CA ALA C 256 -22.45 31.10 6.72
C ALA C 256 -22.08 32.41 7.39
N PRO C 257 -21.02 33.08 6.93
CA PRO C 257 -20.72 34.42 7.47
C PRO C 257 -21.87 35.36 7.18
N ALA C 258 -22.04 36.35 8.07
CA ALA C 258 -23.12 37.30 7.88
C ALA C 258 -22.98 38.04 6.56
N GLU C 259 -21.88 38.70 6.35
CA GLU C 259 -21.58 39.56 5.23
C GLU C 259 -20.96 38.77 4.08
N PRO C 260 -21.30 39.16 2.85
CA PRO C 260 -20.58 38.68 1.66
C PRO C 260 -19.07 38.68 1.85
N GLN C 261 -18.46 37.50 1.69
CA GLN C 261 -17.02 37.36 1.78
C GLN C 261 -16.36 37.63 0.44
N ARG C 262 -15.10 38.07 0.50
CA ARG C 262 -14.31 38.36 -0.68
C ARG C 262 -13.25 37.29 -0.88
N TYR C 263 -13.13 36.79 -2.11
CA TYR C 263 -12.16 35.76 -2.46
C TYR C 263 -11.44 36.15 -3.74
N ASP C 264 -10.18 35.69 -3.85
CA ASP C 264 -9.41 35.90 -5.07
C ASP C 264 -9.74 34.90 -6.16
N ALA C 265 -10.46 33.83 -5.82
CA ALA C 265 -10.79 32.75 -6.74
C ALA C 265 -11.81 31.84 -6.07
N VAL C 266 -12.67 31.24 -6.89
CA VAL C 266 -13.69 30.30 -6.42
C VAL C 266 -13.63 29.06 -7.30
N LEU C 267 -13.37 27.91 -6.69
CA LEU C 267 -13.40 26.63 -7.38
C LEU C 267 -14.77 26.00 -7.19
N VAL C 268 -15.49 25.80 -8.28
CA VAL C 268 -16.78 25.14 -8.23
C VAL C 268 -16.54 23.66 -8.49
N ALA C 269 -16.69 22.85 -7.45
CA ALA C 269 -16.48 21.41 -7.53
C ALA C 269 -17.68 20.72 -6.88
N ILE C 270 -18.85 20.88 -7.50
CA ILE C 270 -20.11 20.38 -6.95
C ILE C 270 -20.58 19.11 -7.65
N GLY C 271 -19.74 18.52 -8.50
CA GLY C 271 -20.04 17.24 -9.11
C GLY C 271 -19.92 17.29 -10.62
N ARG C 272 -20.24 16.16 -11.25
CA ARG C 272 -20.11 16.04 -12.69
C ARG C 272 -21.34 15.33 -13.25
N VAL C 273 -21.68 15.63 -14.50
CA VAL C 273 -22.82 15.03 -15.18
C VAL C 273 -22.37 14.33 -16.47
N PRO C 274 -23.05 13.27 -16.91
CA PRO C 274 -22.61 12.53 -18.09
C PRO C 274 -22.89 13.29 -19.38
N ASN C 275 -22.12 12.93 -20.42
CA ASN C 275 -22.19 13.60 -21.71
C ASN C 275 -23.14 12.91 -22.70
N GLY C 276 -24.03 12.04 -22.22
CA GLY C 276 -24.79 11.19 -23.13
C GLY C 276 -25.79 11.93 -24.02
N LYS C 277 -26.16 13.16 -23.65
CA LYS C 277 -27.12 13.89 -24.47
C LYS C 277 -26.48 14.60 -25.66
N ASN C 278 -25.15 14.58 -25.78
CA ASN C 278 -24.43 15.44 -26.72
C ASN C 278 -23.83 14.68 -27.91
N LEU C 279 -24.33 13.49 -28.21
CA LEU C 279 -23.77 12.63 -29.24
C LEU C 279 -24.73 12.33 -30.38
N ASP C 280 -25.95 12.87 -30.34
CA ASP C 280 -27.03 12.43 -31.23
C ASP C 280 -27.16 10.91 -31.23
N ALA C 281 -26.94 10.31 -30.05
CA ALA C 281 -27.00 8.86 -29.92
C ALA C 281 -28.38 8.33 -30.30
N GLY C 282 -29.41 9.14 -30.07
CA GLY C 282 -30.77 8.77 -30.47
C GLY C 282 -30.92 8.53 -31.96
N LYS C 283 -30.10 9.17 -32.79
CA LYS C 283 -30.14 8.86 -34.21
C LYS C 283 -29.70 7.43 -34.52
N ALA C 284 -28.92 6.81 -33.62
CA ALA C 284 -28.59 5.40 -33.81
C ALA C 284 -29.56 4.46 -33.10
N GLY C 285 -30.64 4.99 -32.51
CA GLY C 285 -31.57 4.19 -31.73
C GLY C 285 -31.19 3.99 -30.29
N VAL C 286 -30.09 4.59 -29.83
CA VAL C 286 -29.58 4.38 -28.47
C VAL C 286 -30.41 5.18 -27.48
N GLU C 287 -30.87 4.52 -26.42
CA GLU C 287 -31.67 5.16 -25.39
C GLU C 287 -30.77 5.89 -24.40
N VAL C 288 -31.03 7.19 -24.22
CA VAL C 288 -30.34 8.05 -23.26
C VAL C 288 -31.35 8.51 -22.22
N ASP C 289 -31.02 8.39 -20.94
CA ASP C 289 -32.04 8.64 -19.92
C ASP C 289 -32.12 10.13 -19.59
N ASP C 290 -33.06 10.48 -18.69
CA ASP C 290 -33.35 11.88 -18.37
C ASP C 290 -32.13 12.62 -17.83
N ARG C 291 -31.18 11.91 -17.22
CA ARG C 291 -30.00 12.54 -16.64
C ARG C 291 -28.80 12.53 -17.57
N GLY C 292 -28.93 11.99 -18.78
CA GLY C 292 -27.84 11.99 -19.72
C GLY C 292 -26.91 10.82 -19.61
N PHE C 293 -27.27 9.79 -18.86
CA PHE C 293 -26.55 8.52 -18.84
C PHE C 293 -27.06 7.67 -19.99
N ILE C 294 -26.16 6.88 -20.58
CA ILE C 294 -26.54 5.85 -21.52
C ILE C 294 -26.55 4.53 -20.75
N ARG C 295 -27.73 3.97 -20.50
CA ARG C 295 -27.77 2.78 -19.65
C ARG C 295 -27.42 1.54 -20.46
N VAL C 296 -26.75 0.60 -19.80
CA VAL C 296 -26.23 -0.59 -20.42
C VAL C 296 -26.53 -1.76 -19.49
N ASP C 297 -26.38 -2.98 -20.00
CA ASP C 297 -26.50 -4.15 -19.15
C ASP C 297 -25.10 -4.53 -18.66
N LYS C 298 -24.96 -5.73 -18.08
CA LYS C 298 -23.65 -6.11 -17.55
C LYS C 298 -22.68 -6.60 -18.63
N GLN C 299 -23.09 -6.64 -19.89
CA GLN C 299 -22.10 -6.74 -20.95
C GLN C 299 -21.78 -5.38 -21.55
N LEU C 300 -22.19 -4.31 -20.88
CA LEU C 300 -21.97 -2.93 -21.33
C LEU C 300 -22.71 -2.62 -22.62
N ARG C 301 -23.75 -3.39 -22.93
CA ARG C 301 -24.48 -3.25 -24.19
C ARG C 301 -25.67 -2.33 -23.99
N THR C 302 -25.86 -1.41 -24.95
CA THR C 302 -27.05 -0.55 -24.94
C THR C 302 -28.23 -1.35 -25.49
N ASN C 303 -29.37 -0.67 -25.66
CA ASN C 303 -30.54 -1.30 -26.27
C ASN C 303 -30.35 -1.60 -27.74
N VAL C 304 -29.31 -1.06 -28.38
CA VAL C 304 -28.94 -1.40 -29.74
C VAL C 304 -27.82 -2.45 -29.65
N PRO C 305 -28.07 -3.69 -30.06
CA PRO C 305 -27.15 -4.81 -29.72
C PRO C 305 -25.70 -4.62 -30.17
N HIS C 306 -25.43 -3.85 -31.21
CA HIS C 306 -24.05 -3.66 -31.67
C HIS C 306 -23.44 -2.35 -31.17
N ILE C 307 -24.09 -1.65 -30.22
CA ILE C 307 -23.55 -0.43 -29.65
C ILE C 307 -23.46 -0.58 -28.13
N PHE C 308 -22.25 -0.37 -27.61
CA PHE C 308 -21.93 -0.48 -26.20
C PHE C 308 -21.64 0.91 -25.64
N ALA C 309 -21.60 1.01 -24.32
CA ALA C 309 -21.23 2.25 -23.65
C ALA C 309 -20.51 1.94 -22.34
N ILE C 310 -19.48 2.74 -22.03
CA ILE C 310 -18.59 2.44 -20.91
C ILE C 310 -18.17 3.72 -20.19
N GLY C 311 -17.63 3.55 -18.96
CA GLY C 311 -17.01 4.65 -18.24
C GLY C 311 -17.97 5.57 -17.49
N ASP C 312 -17.60 6.85 -17.40
CA ASP C 312 -18.43 7.79 -16.65
C ASP C 312 -19.84 7.87 -17.22
N ILE C 313 -19.97 7.72 -18.55
CA ILE C 313 -21.22 8.02 -19.23
C ILE C 313 -22.34 7.03 -18.92
N VAL C 314 -22.03 5.88 -18.30
CA VAL C 314 -23.08 4.91 -17.98
C VAL C 314 -23.52 4.97 -16.53
N GLY C 315 -22.84 5.75 -15.68
CA GLY C 315 -23.31 5.86 -14.31
C GLY C 315 -22.23 5.96 -13.24
N GLN C 316 -22.69 6.10 -12.00
CA GLN C 316 -21.81 6.12 -10.84
C GLN C 316 -21.32 4.71 -10.53
N PRO C 317 -20.12 4.59 -9.93
CA PRO C 317 -19.19 5.65 -9.57
C PRO C 317 -18.41 6.10 -10.79
N MET C 318 -18.12 7.39 -10.89
CA MET C 318 -17.38 7.95 -12.02
C MET C 318 -15.89 7.87 -11.70
N LEU C 319 -15.29 6.70 -11.95
CA LEU C 319 -13.89 6.50 -11.61
C LEU C 319 -13.16 5.78 -12.75
N ALA C 320 -11.87 6.09 -12.87
CA ALA C 320 -11.05 5.59 -13.97
C ALA C 320 -10.96 4.08 -13.99
N HIS C 321 -10.81 3.43 -12.82
CA HIS C 321 -10.60 1.98 -12.84
C HIS C 321 -11.88 1.22 -13.23
N LYS C 322 -13.04 1.73 -12.84
CA LYS C 322 -14.29 1.17 -13.34
C LYS C 322 -14.34 1.24 -14.87
N GLY C 323 -14.06 2.42 -15.43
CA GLY C 323 -14.07 2.56 -16.89
C GLY C 323 -13.11 1.61 -17.59
N VAL C 324 -11.89 1.46 -17.07
CA VAL C 324 -10.91 0.56 -17.69
C VAL C 324 -11.44 -0.87 -17.76
N HIS C 325 -11.97 -1.38 -16.64
CA HIS C 325 -12.45 -2.76 -16.63
C HIS C 325 -13.70 -2.92 -17.50
N GLU C 326 -14.58 -1.92 -17.52
CA GLU C 326 -15.72 -1.98 -18.42
C GLU C 326 -15.28 -2.02 -19.87
N GLY C 327 -14.23 -1.26 -20.20
CA GLY C 327 -13.69 -1.29 -21.55
C GLY C 327 -13.15 -2.65 -21.96
N HIS C 328 -12.50 -3.37 -21.03
CA HIS C 328 -12.04 -4.70 -21.37
C HIS C 328 -13.21 -5.63 -21.69
N VAL C 329 -14.25 -5.61 -20.85
CA VAL C 329 -15.38 -6.52 -21.03
C VAL C 329 -16.10 -6.21 -22.35
N ALA C 330 -16.33 -4.93 -22.64
CA ALA C 330 -17.02 -4.54 -23.88
C ALA C 330 -16.27 -5.04 -25.11
N ALA C 331 -14.94 -4.86 -25.12
CA ALA C 331 -14.12 -5.38 -26.21
C ALA C 331 -14.19 -6.91 -26.28
N GLU C 332 -14.13 -7.57 -25.12
CA GLU C 332 -14.15 -9.03 -25.10
C GLU C 332 -15.47 -9.56 -25.65
N VAL C 333 -16.59 -8.97 -25.24
CA VAL C 333 -17.92 -9.37 -25.73
C VAL C 333 -17.99 -9.19 -27.25
N ILE C 334 -17.60 -8.02 -27.74
CA ILE C 334 -17.60 -7.77 -29.18
C ILE C 334 -16.78 -8.83 -29.90
N ALA C 335 -15.62 -9.19 -29.35
CA ALA C 335 -14.79 -10.25 -29.89
C ALA C 335 -15.38 -11.64 -29.73
N GLY C 336 -16.53 -11.77 -29.05
CA GLY C 336 -17.21 -13.04 -28.95
C GLY C 336 -17.02 -13.81 -27.66
N LYS C 337 -16.47 -13.20 -26.63
CA LYS C 337 -16.31 -13.88 -25.35
C LYS C 337 -17.54 -13.64 -24.48
N LYS C 338 -18.02 -14.69 -23.83
CA LYS C 338 -19.19 -14.56 -22.97
C LYS C 338 -18.75 -14.06 -21.59
N HIS C 339 -18.38 -12.79 -21.56
CA HIS C 339 -17.86 -12.13 -20.39
C HIS C 339 -18.85 -11.09 -19.88
N TYR C 340 -18.79 -10.82 -18.58
CA TYR C 340 -19.69 -9.89 -17.91
C TYR C 340 -18.90 -9.00 -16.97
N PHE C 341 -19.39 -7.79 -16.77
CA PHE C 341 -18.85 -6.84 -15.80
C PHE C 341 -19.73 -6.88 -14.56
N ASP C 342 -19.27 -7.56 -13.53
CA ASP C 342 -20.03 -7.70 -12.30
C ASP C 342 -19.04 -7.80 -11.15
N PRO C 343 -18.36 -6.71 -10.81
CA PRO C 343 -17.42 -6.74 -9.69
C PRO C 343 -18.17 -6.77 -8.38
N LYS C 344 -17.63 -7.50 -7.39
CA LYS C 344 -18.22 -7.38 -6.06
C LYS C 344 -18.03 -5.96 -5.53
N VAL C 345 -16.86 -5.37 -5.76
CA VAL C 345 -16.50 -4.11 -5.12
C VAL C 345 -15.79 -3.21 -6.11
N ILE C 346 -15.88 -1.91 -5.85
CA ILE C 346 -15.16 -0.90 -6.61
C ILE C 346 -14.55 0.06 -5.59
N PRO C 347 -13.24 0.19 -5.50
CA PRO C 347 -12.63 1.04 -4.48
C PRO C 347 -12.73 2.52 -4.81
N SER C 348 -12.75 3.33 -3.75
CA SER C 348 -12.69 4.79 -3.83
C SER C 348 -11.58 5.32 -2.92
N ILE C 349 -10.77 6.25 -3.42
CA ILE C 349 -9.70 6.87 -2.63
C ILE C 349 -9.77 8.38 -2.79
N ALA C 350 -9.74 9.10 -1.67
CA ALA C 350 -9.47 10.53 -1.65
C ALA C 350 -8.00 10.73 -1.29
N TYR C 351 -7.24 11.34 -2.20
CA TYR C 351 -5.80 11.47 -1.98
C TYR C 351 -5.45 12.72 -1.16
N THR C 352 -6.21 12.98 -0.10
CA THR C 352 -6.04 14.14 0.77
C THR C 352 -5.03 13.82 1.87
N GLU C 353 -4.91 14.72 2.85
CA GLU C 353 -4.00 14.58 3.99
C GLU C 353 -4.80 14.60 5.27
N PRO C 354 -5.03 13.45 5.93
CA PRO C 354 -4.70 12.08 5.51
C PRO C 354 -5.58 11.58 4.37
N GLU C 355 -5.22 10.46 3.74
CA GLU C 355 -6.08 9.93 2.70
C GLU C 355 -7.32 9.29 3.31
N VAL C 356 -8.40 9.23 2.54
CA VAL C 356 -9.61 8.53 2.93
C VAL C 356 -9.92 7.53 1.83
N ALA C 357 -10.06 6.25 2.20
CA ALA C 357 -10.15 5.19 1.20
C ALA C 357 -11.09 4.10 1.68
N TRP C 358 -11.94 3.61 0.79
CA TRP C 358 -12.87 2.58 1.22
C TRP C 358 -13.31 1.74 0.03
N VAL C 359 -13.77 0.54 0.33
CA VAL C 359 -14.10 -0.46 -0.69
C VAL C 359 -15.15 -1.38 -0.10
N GLY C 360 -16.05 -1.86 -0.96
CA GLY C 360 -17.13 -2.70 -0.46
C GLY C 360 -18.16 -1.87 0.28
N LEU C 361 -18.94 -2.54 1.12
CA LEU C 361 -20.03 -1.88 1.83
C LEU C 361 -19.50 -0.93 2.90
N THR C 362 -20.12 0.24 2.99
CA THR C 362 -19.98 1.09 4.16
C THR C 362 -20.97 0.69 5.23
N GLU C 363 -20.85 1.30 6.42
CA GLU C 363 -21.87 1.05 7.44
C GLU C 363 -23.23 1.62 7.02
N LYS C 364 -23.24 2.80 6.41
CA LYS C 364 -24.49 3.36 5.89
C LYS C 364 -25.18 2.36 4.97
N GLU C 365 -24.48 1.92 3.93
CA GLU C 365 -25.07 1.00 2.95
C GLU C 365 -25.52 -0.29 3.61
N ALA C 366 -24.71 -0.83 4.54
CA ALA C 366 -25.10 -2.07 5.21
C ALA C 366 -26.37 -1.87 6.03
N LYS C 367 -26.50 -0.72 6.67
CA LYS C 367 -27.72 -0.44 7.45
C LYS C 367 -28.93 -0.34 6.54
N GLU C 368 -28.82 0.42 5.44
CA GLU C 368 -29.93 0.52 4.49
C GLU C 368 -30.36 -0.86 4.02
N LYS C 369 -29.42 -1.64 3.49
CA LYS C 369 -29.76 -2.95 2.94
C LYS C 369 -30.14 -3.97 4.00
N GLY C 370 -30.05 -3.60 5.28
CA GLY C 370 -30.48 -4.48 6.34
C GLY C 370 -29.52 -5.59 6.71
N ILE C 371 -28.23 -5.47 6.37
CA ILE C 371 -27.26 -6.51 6.72
C ILE C 371 -26.94 -6.44 8.19
N SER C 372 -26.91 -7.60 8.85
CA SER C 372 -26.38 -7.71 10.20
C SER C 372 -24.87 -7.77 10.11
N TYR C 373 -24.18 -6.74 10.62
CA TYR C 373 -22.75 -6.60 10.44
C TYR C 373 -22.06 -6.36 11.77
N GLU C 374 -20.73 -6.47 11.76
CA GLU C 374 -19.93 -6.10 12.92
C GLU C 374 -18.61 -5.53 12.39
N THR C 375 -18.18 -4.42 12.99
CA THR C 375 -16.95 -3.76 12.57
C THR C 375 -15.78 -4.14 13.49
N ALA C 376 -14.59 -4.12 12.93
CA ALA C 376 -13.37 -4.24 13.74
C ALA C 376 -12.40 -3.18 13.28
N THR C 377 -11.81 -2.48 14.23
CA THR C 377 -11.01 -1.30 13.96
C THR C 377 -9.64 -1.45 14.59
N PHE C 378 -8.60 -1.04 13.86
CA PHE C 378 -7.26 -0.94 14.45
C PHE C 378 -6.82 0.52 14.45
N PRO C 379 -6.58 1.13 15.63
CA PRO C 379 -6.13 2.52 15.67
C PRO C 379 -4.64 2.63 15.39
N TRP C 380 -4.27 3.60 14.55
CA TRP C 380 -2.87 3.82 14.23
C TRP C 380 -2.08 4.41 15.39
N ALA C 381 -2.74 4.86 16.46
CA ALA C 381 -2.01 5.30 17.63
C ALA C 381 -1.19 4.19 18.25
N ALA C 382 -1.49 2.92 17.91
CA ALA C 382 -0.77 1.76 18.39
C ALA C 382 0.17 1.17 17.35
N SER C 383 0.34 1.84 16.22
CA SER C 383 1.20 1.36 15.14
C SER C 383 2.56 2.05 15.25
N GLY C 384 3.61 1.27 15.45
CA GLY C 384 4.94 1.86 15.49
C GLY C 384 5.30 2.50 14.18
N ARG C 385 4.91 1.86 13.08
CA ARG C 385 5.14 2.44 11.76
C ARG C 385 4.49 3.80 11.65
N ALA C 386 3.21 3.91 12.04
CA ALA C 386 2.51 5.18 11.91
C ALA C 386 3.05 6.24 12.87
N ILE C 387 3.42 5.84 14.09
CA ILE C 387 4.01 6.83 15.01
C ILE C 387 5.34 7.32 14.45
N ALA C 388 6.17 6.40 13.97
CA ALA C 388 7.49 6.74 13.46
C ALA C 388 7.44 7.52 12.16
N SER C 389 6.26 7.65 11.54
CA SER C 389 6.05 8.49 10.37
C SER C 389 5.07 9.62 10.63
N ASP C 390 4.75 9.91 11.89
CA ASP C 390 3.88 11.03 12.26
C ASP C 390 2.54 10.97 11.55
N CYS C 391 1.85 9.85 11.68
CA CYS C 391 0.49 9.70 11.18
C CYS C 391 -0.34 8.85 12.14
N ALA C 392 -0.20 9.13 13.43
CA ALA C 392 -0.76 8.27 14.47
C ALA C 392 -2.26 8.47 14.70
N ASP C 393 -2.90 9.40 14.00
CA ASP C 393 -4.35 9.55 14.12
C ASP C 393 -5.12 8.65 13.16
N GLY C 394 -4.42 7.92 12.30
CA GLY C 394 -5.09 7.07 11.34
C GLY C 394 -5.85 5.92 11.97
N MET C 395 -6.58 5.21 11.11
CA MET C 395 -7.42 4.10 11.57
C MET C 395 -7.71 3.16 10.42
N THR C 396 -7.70 1.86 10.70
CA THR C 396 -8.04 0.82 9.73
C THR C 396 -9.28 0.09 10.22
N LYS C 397 -10.27 -0.05 9.33
CA LYS C 397 -11.58 -0.58 9.69
C LYS C 397 -11.96 -1.70 8.73
N LEU C 398 -12.41 -2.82 9.28
CA LEU C 398 -12.98 -3.87 8.46
C LEU C 398 -14.43 -4.08 8.89
N ILE C 399 -15.26 -4.49 7.93
CA ILE C 399 -16.67 -4.75 8.16
C ILE C 399 -16.98 -6.20 7.79
N PHE C 400 -17.59 -6.92 8.73
CA PHE C 400 -17.82 -8.34 8.60
C PHE C 400 -19.30 -8.66 8.72
N ASP C 401 -19.75 -9.64 7.94
CA ASP C 401 -21.06 -10.22 8.19
C ASP C 401 -21.06 -10.89 9.54
N LYS C 402 -22.02 -10.51 10.38
CA LYS C 402 -22.05 -10.96 11.77
C LYS C 402 -22.08 -12.49 11.87
N GLU C 403 -22.89 -13.14 11.04
CA GLU C 403 -23.13 -14.58 11.15
C GLU C 403 -22.02 -15.39 10.48
N SER C 404 -21.70 -15.07 9.23
CA SER C 404 -20.73 -15.84 8.46
C SER C 404 -19.28 -15.43 8.72
N HIS C 405 -19.05 -14.24 9.28
CA HIS C 405 -17.73 -13.67 9.54
C HIS C 405 -16.96 -13.36 8.26
N ARG C 406 -17.60 -13.40 7.10
CA ARG C 406 -16.95 -12.96 5.87
C ARG C 406 -16.79 -11.45 5.86
N VAL C 407 -15.70 -10.98 5.24
CA VAL C 407 -15.49 -9.54 5.10
C VAL C 407 -16.33 -9.03 3.94
N ILE C 408 -16.98 -7.88 4.14
CA ILE C 408 -17.89 -7.33 3.15
C ILE C 408 -17.53 -5.87 2.89
N GLY C 409 -16.64 -5.30 3.70
CA GLY C 409 -16.15 -3.97 3.38
C GLY C 409 -15.00 -3.57 4.28
N GLY C 410 -14.39 -2.44 3.94
CA GLY C 410 -13.28 -1.96 4.74
C GLY C 410 -12.96 -0.54 4.34
N ALA C 411 -12.18 0.11 5.19
CA ALA C 411 -11.90 1.53 5.02
C ALA C 411 -10.66 1.89 5.83
N ILE C 412 -9.90 2.86 5.32
CA ILE C 412 -8.71 3.38 5.98
C ILE C 412 -8.74 4.91 5.94
N VAL C 413 -8.40 5.54 7.05
CA VAL C 413 -8.10 6.97 7.05
C VAL C 413 -6.68 7.13 7.57
N GLY C 414 -5.80 7.72 6.76
CA GLY C 414 -4.42 7.90 7.18
C GLY C 414 -3.51 8.22 6.02
N THR C 415 -2.30 8.67 6.39
CA THR C 415 -1.24 8.85 5.39
C THR C 415 -0.96 7.53 4.68
N ASN C 416 -0.92 7.58 3.34
CA ASN C 416 -0.74 6.41 2.48
C ASN C 416 -1.82 5.36 2.68
N GLY C 417 -2.99 5.75 3.20
CA GLY C 417 -4.04 4.77 3.43
C GLY C 417 -4.58 4.12 2.18
N GLY C 418 -4.61 4.87 1.06
CA GLY C 418 -5.11 4.29 -0.17
C GLY C 418 -4.43 2.99 -0.57
N GLU C 419 -3.11 2.89 -0.34
CA GLU C 419 -2.40 1.70 -0.81
C GLU C 419 -2.85 0.42 -0.09
N LEU C 420 -3.55 0.54 1.04
CA LEU C 420 -4.01 -0.66 1.74
C LEU C 420 -5.28 -1.25 1.14
N LEU C 421 -5.98 -0.49 0.26
CA LEU C 421 -7.21 -0.99 -0.33
C LEU C 421 -7.02 -2.26 -1.15
N GLY C 422 -5.82 -2.50 -1.69
CA GLY C 422 -5.64 -3.67 -2.53
C GLY C 422 -5.94 -4.95 -1.79
N GLU C 423 -5.41 -5.08 -0.57
CA GLU C 423 -5.63 -6.29 0.20
C GLU C 423 -7.10 -6.48 0.54
N ILE C 424 -7.76 -5.41 0.98
CA ILE C 424 -9.15 -5.53 1.43
C ILE C 424 -10.05 -5.87 0.25
N GLY C 425 -9.84 -5.19 -0.88
CA GLY C 425 -10.59 -5.53 -2.07
C GLY C 425 -10.44 -6.98 -2.45
N LEU C 426 -9.19 -7.46 -2.54
CA LEU C 426 -8.97 -8.86 -2.86
C LEU C 426 -9.65 -9.75 -1.82
N ALA C 427 -9.55 -9.40 -0.54
CA ALA C 427 -10.16 -10.24 0.50
C ALA C 427 -11.66 -10.43 0.24
N ILE C 428 -12.36 -9.34 -0.07
CA ILE C 428 -13.80 -9.46 -0.36
C ILE C 428 -14.03 -10.30 -1.61
N GLU C 429 -13.30 -10.01 -2.69
CA GLU C 429 -13.46 -10.76 -3.93
C GLU C 429 -13.23 -12.25 -3.74
N MET C 430 -12.30 -12.62 -2.85
CA MET C 430 -11.98 -14.03 -2.64
C MET C 430 -12.86 -14.69 -1.59
N GLY C 431 -13.78 -13.96 -0.98
CA GLY C 431 -14.66 -14.54 0.01
C GLY C 431 -14.01 -14.86 1.33
N CYS C 432 -12.97 -14.12 1.72
CA CYS C 432 -12.27 -14.34 2.99
C CYS C 432 -13.17 -14.04 4.18
N ASP C 433 -12.95 -14.79 5.26
CA ASP C 433 -13.49 -14.45 6.57
C ASP C 433 -12.38 -13.83 7.44
N ALA C 434 -12.76 -13.38 8.64
CA ALA C 434 -11.80 -12.72 9.51
C ALA C 434 -10.62 -13.63 9.84
N GLU C 435 -10.87 -14.93 9.97
CA GLU C 435 -9.80 -15.85 10.32
C GLU C 435 -8.77 -15.97 9.20
N ASP C 436 -9.23 -16.10 7.95
CA ASP C 436 -8.33 -16.11 6.79
C ASP C 436 -7.40 -14.91 6.81
N ILE C 437 -7.94 -13.75 7.16
CA ILE C 437 -7.13 -12.54 7.14
C ILE C 437 -6.19 -12.48 8.32
N ALA C 438 -6.70 -12.79 9.52
CA ALA C 438 -5.91 -12.67 10.73
C ALA C 438 -4.74 -13.65 10.74
N LEU C 439 -4.93 -14.82 10.13
CA LEU C 439 -3.91 -15.86 10.15
C LEU C 439 -2.80 -15.64 9.12
N THR C 440 -3.07 -14.86 8.08
CA THR C 440 -2.02 -14.49 7.15
C THR C 440 -1.01 -13.60 7.86
N ILE C 441 0.26 -13.97 7.77
CA ILE C 441 1.31 -13.19 8.43
C ILE C 441 1.59 -11.95 7.60
N HIS C 442 1.30 -10.77 8.18
CA HIS C 442 1.57 -9.47 7.60
C HIS C 442 2.90 -8.95 8.11
N ALA C 443 3.65 -8.27 7.23
CA ALA C 443 4.96 -7.75 7.62
C ALA C 443 4.83 -6.68 8.70
N HIS C 444 5.77 -6.71 9.65
CA HIS C 444 5.86 -5.77 10.76
C HIS C 444 7.25 -5.14 10.73
N PRO C 445 7.37 -3.81 10.88
CA PRO C 445 6.31 -2.81 11.06
C PRO C 445 5.86 -2.20 9.74
N THR C 446 4.55 -2.24 9.45
CA THR C 446 3.97 -1.66 8.24
C THR C 446 2.62 -1.05 8.59
N LEU C 447 2.13 -0.18 7.71
CA LEU C 447 0.76 0.28 7.82
C LEU C 447 -0.21 -0.84 7.45
N HIS C 448 0.07 -1.59 6.37
CA HIS C 448 -0.91 -2.57 5.90
C HIS C 448 -1.10 -3.73 6.87
N GLU C 449 -0.18 -3.94 7.82
CA GLU C 449 -0.41 -4.96 8.83
C GLU C 449 -1.64 -4.65 9.68
N SER C 450 -2.03 -3.38 9.73
CA SER C 450 -3.26 -3.00 10.43
C SER C 450 -4.48 -3.71 9.88
N VAL C 451 -4.44 -4.18 8.63
CA VAL C 451 -5.55 -4.95 8.09
C VAL C 451 -5.63 -6.32 8.77
N GLY C 452 -4.49 -6.99 8.96
CA GLY C 452 -4.50 -8.25 9.70
C GLY C 452 -4.86 -8.06 11.16
N LEU C 453 -4.40 -6.95 11.76
CA LEU C 453 -4.65 -6.70 13.17
C LEU C 453 -6.11 -6.34 13.42
N ALA C 454 -6.76 -5.68 12.46
CA ALA C 454 -8.20 -5.46 12.56
C ALA C 454 -8.97 -6.78 12.54
N ALA C 455 -8.56 -7.70 11.66
CA ALA C 455 -9.14 -9.03 11.68
C ALA C 455 -8.87 -9.74 13.02
N GLU C 456 -7.69 -9.52 13.61
CA GLU C 456 -7.42 -10.13 14.92
C GLU C 456 -8.32 -9.56 16.01
N VAL C 457 -8.69 -8.28 15.90
CA VAL C 457 -9.63 -7.69 16.86
C VAL C 457 -10.95 -8.43 16.79
N PHE C 458 -11.47 -8.61 15.58
CA PHE C 458 -12.72 -9.35 15.41
C PHE C 458 -12.59 -10.78 15.92
N GLU C 459 -11.47 -11.45 15.63
CA GLU C 459 -11.28 -12.84 16.07
C GLU C 459 -11.07 -12.96 17.58
N GLY C 460 -10.82 -11.86 18.28
CA GLY C 460 -10.53 -11.93 19.70
C GLY C 460 -9.15 -12.45 20.05
N SER C 461 -8.17 -12.36 19.13
CA SER C 461 -6.81 -12.82 19.37
C SER C 461 -5.79 -11.69 19.46
N ILE C 462 -6.22 -10.44 19.24
CA ILE C 462 -5.31 -9.31 19.18
C ILE C 462 -4.48 -9.22 20.45
N THR C 463 -3.17 -8.95 20.30
CA THR C 463 -2.33 -8.69 21.45
C THR C 463 -1.60 -7.36 21.37
N ASP C 464 -1.67 -6.66 20.24
CA ASP C 464 -1.12 -5.31 20.19
C ASP C 464 -2.08 -4.25 20.73
N LEU C 465 -3.26 -4.67 21.18
CA LEU C 465 -4.24 -3.79 21.81
C LEU C 465 -4.86 -4.55 22.97
N PRO C 466 -5.46 -3.85 23.94
CA PRO C 466 -6.40 -4.52 24.85
C PRO C 466 -7.40 -5.34 24.05
N ASN C 467 -7.82 -6.46 24.62
CA ASN C 467 -8.66 -7.44 23.93
C ASN C 467 -9.96 -7.63 24.70
N PRO C 468 -10.97 -6.80 24.45
CA PRO C 468 -12.26 -6.97 25.18
C PRO C 468 -13.00 -8.26 24.83
N LYS C 469 -12.63 -8.96 23.75
CA LYS C 469 -13.23 -10.23 23.36
C LYS C 469 -12.51 -11.44 23.97
N ALA C 470 -11.56 -11.24 24.87
CA ALA C 470 -10.97 -12.37 25.58
C ALA C 470 -12.01 -13.07 26.43
#